data_2Y9W
#
_entry.id   2Y9W
#
_cell.length_a   104.060
_cell.length_b   104.520
_cell.length_c   109.050
_cell.angle_alpha   90.00
_cell.angle_beta   90.00
_cell.angle_gamma   90.00
#
_symmetry.space_group_name_H-M   'P 21 21 2'
#
loop_
_entity.id
_entity.type
_entity.pdbx_description
1 polymer 'POLYPHENOL OXIDASE'
2 polymer 'LECTIN-LIKE FOLD PROTEIN'
3 non-polymer 'COPPER (II) ION'
4 non-polymer 'HOLMIUM ATOM'
5 non-polymer DI(HYDROXYETHYL)ETHER
6 non-polymer 'TRIETHYLENE GLYCOL'
7 water water
#
loop_
_entity_poly.entity_id
_entity_poly.type
_entity_poly.pdbx_seq_one_letter_code
_entity_poly.pdbx_strand_id
1 'polypeptide(L)'
;SDKKSLMPLVGIPGEIKNRLNILDFVKNDKFFTLYVRALQVLQARDQSDYSSFFQLGGIHGLPYTEWAKAQPQLHLYKAN
YCTHGTVLFPTWHRAYESTWEQTLWEAAGTVAQRFTTSDQAEWIQAAKDLRQPFWDWGYWPNDPDFIGLPDQVIRDKQVE
ITDYNGTKIEVENPILHYKFHPIEPTFEGDFAQWQTTMRYPDVQKQENIEGMIAGIKAAAPGFREWTFNMLTKNYTWELF
SNHGAVVGAHANSLEMVHNTVHFLIGRDPTLDPLVPGHMGSVPHAAFDPIFWMHHCNVDRLLALWQTMNYDVYVSEGMNR
EATMGLIPGQVLTEDSPLEPFYTKNQDPWQSDDLEDWETLGFSYPDFDPVKGKSKEEKSVYINDWVHKHYG
;
A,B
2 'polypeptide(L)'
;MAQARKIPLDLPGTRILNGANWANNSATENLATNSGTLIIFDQSTPGQDADRWLIHNYLDGYKIFNMGSNNWASVSRGNT
VLGVSEFDGQTCKWSIEYSGNGEEFWIRVPREGGGGAVWTIKPASSQGPTTVFLDLLKETDPNQRIKFAV
;
C,D
#
loop_
_chem_comp.id
_chem_comp.type
_chem_comp.name
_chem_comp.formula
CU non-polymer 'COPPER (II) ION' 'Cu 2'
HO non-polymer 'HOLMIUM ATOM' Ho
PEG non-polymer DI(HYDROXYETHYL)ETHER 'C4 H10 O3'
PGE non-polymer 'TRIETHYLENE GLYCOL' 'C6 H14 O4'
#
# COMPACT_ATOMS: atom_id res chain seq x y z
N SER A 1 -23.27 -14.78 7.29
CA SER A 1 -21.81 -14.75 7.64
C SER A 1 -21.30 -13.31 7.88
N ASP A 2 -20.98 -12.62 6.78
CA ASP A 2 -20.32 -11.28 6.76
C ASP A 2 -18.81 -11.37 6.98
N LYS A 3 -18.11 -10.28 6.65
CA LYS A 3 -16.66 -10.17 6.89
C LYS A 3 -16.34 -10.42 8.36
N LYS A 4 -15.22 -11.09 8.60
CA LYS A 4 -14.88 -11.52 9.94
C LYS A 4 -13.72 -10.74 10.54
N SER A 5 -12.62 -10.61 9.79
CA SER A 5 -11.42 -9.91 10.26
C SER A 5 -11.09 -8.65 9.46
N LEU A 6 -10.61 -7.62 10.15
CA LEU A 6 -10.22 -6.36 9.51
C LEU A 6 -8.76 -6.37 9.05
N MET A 7 -7.97 -7.30 9.58
CA MET A 7 -6.57 -7.40 9.20
C MET A 7 -6.14 -8.84 8.93
N PRO A 8 -6.44 -9.35 7.72
CA PRO A 8 -6.02 -10.69 7.36
C PRO A 8 -4.51 -10.88 7.55
N LEU A 9 -4.15 -12.06 8.06
CA LEU A 9 -2.80 -12.54 7.95
C LEU A 9 -2.60 -12.98 6.51
N VAL A 10 -1.68 -12.32 5.83
CA VAL A 10 -1.29 -12.69 4.46
C VAL A 10 0.23 -12.92 4.31
N GLY A 11 1.00 -12.52 5.31
CA GLY A 11 2.46 -12.60 5.23
C GLY A 11 3.03 -11.61 4.23
N ILE A 12 4.25 -11.88 3.76
CA ILE A 12 5.03 -10.94 2.95
C ILE A 12 5.09 -11.34 1.48
N PRO A 13 4.62 -10.46 0.57
CA PRO A 13 4.65 -10.77 -0.87
C PRO A 13 6.05 -10.60 -1.48
N GLY A 14 6.25 -11.06 -2.71
CA GLY A 14 7.54 -10.94 -3.40
C GLY A 14 8.45 -12.15 -3.23
N GLU A 15 9.74 -11.98 -3.55
CA GLU A 15 10.74 -13.03 -3.34
C GLU A 15 10.84 -13.42 -1.87
N ILE A 16 11.02 -14.71 -1.61
CA ILE A 16 11.26 -15.21 -0.25
C ILE A 16 12.59 -14.64 0.27
N LYS A 17 12.56 -14.01 1.44
CA LYS A 17 13.79 -13.51 2.05
C LYS A 17 14.00 -14.09 3.44
N ASN A 18 15.26 -14.16 3.85
CA ASN A 18 15.60 -14.72 5.17
C ASN A 18 15.36 -13.80 6.37
N ARG A 19 14.91 -14.43 7.45
CA ARG A 19 14.97 -13.89 8.77
C ARG A 19 16.43 -14.08 9.22
N LEU A 20 17.11 -13.00 9.58
CA LEU A 20 18.54 -13.11 9.91
C LEU A 20 18.80 -13.27 11.42
N ASN A 21 19.96 -13.82 11.76
CA ASN A 21 20.44 -13.86 13.14
C ASN A 21 20.65 -12.42 13.60
N ILE A 22 20.16 -12.12 14.81
CA ILE A 22 20.21 -10.76 15.34
C ILE A 22 21.64 -10.19 15.37
N LEU A 23 22.63 -11.04 15.66
CA LEU A 23 24.04 -10.63 15.61
C LEU A 23 24.45 -10.13 14.22
N ASP A 24 23.98 -10.79 13.16
CA ASP A 24 24.25 -10.34 11.78
C ASP A 24 23.44 -9.09 11.43
N PHE A 25 22.14 -9.15 11.68
CA PHE A 25 21.18 -8.08 11.43
C PHE A 25 21.66 -6.67 11.84
N VAL A 26 22.12 -6.53 13.08
CA VAL A 26 22.50 -5.20 13.62
C VAL A 26 23.70 -4.58 12.88
N LYS A 27 24.48 -5.43 12.20
CA LYS A 27 25.66 -5.01 11.43
C LYS A 27 25.27 -4.39 10.09
N ASN A 28 24.08 -4.73 9.62
CA ASN A 28 23.51 -4.14 8.41
C ASN A 28 22.82 -2.83 8.74
N ASP A 29 23.40 -1.70 8.30
CA ASP A 29 22.86 -0.40 8.67
C ASP A 29 21.49 -0.14 8.06
N LYS A 30 21.19 -0.77 6.94
CA LYS A 30 19.93 -0.50 6.31
C LYS A 30 18.82 -1.26 7.01
N PHE A 31 19.06 -2.53 7.28
CA PHE A 31 18.08 -3.35 7.99
C PHE A 31 17.85 -2.78 9.38
N PHE A 32 18.93 -2.41 10.07
CA PHE A 32 18.82 -1.96 11.45
C PHE A 32 18.09 -0.63 11.59
N THR A 33 18.42 0.32 10.70
CA THR A 33 17.76 1.61 10.70
C THR A 33 16.27 1.43 10.41
N LEU A 34 15.93 0.60 9.41
CA LEU A 34 14.51 0.47 9.03
C LEU A 34 13.68 -0.20 10.13
N TYR A 35 14.33 -1.11 10.86
CA TYR A 35 13.68 -1.85 11.92
C TYR A 35 13.32 -0.88 13.05
N VAL A 36 14.30 -0.08 13.45
CA VAL A 36 14.15 0.90 14.51
C VAL A 36 13.09 1.96 14.11
N ARG A 37 13.14 2.41 12.87
CA ARG A 37 12.16 3.36 12.38
C ARG A 37 10.75 2.77 12.33
N ALA A 38 10.64 1.57 11.77
CA ALA A 38 9.36 0.85 11.69
C ALA A 38 8.80 0.60 13.08
N LEU A 39 9.66 0.24 14.02
CA LEU A 39 9.28 -0.02 15.41
C LEU A 39 8.82 1.25 16.15
N GLN A 40 9.46 2.39 15.85
CA GLN A 40 9.01 3.70 16.30
C GLN A 40 7.58 3.98 15.84
N VAL A 41 7.28 3.68 14.57
CA VAL A 41 5.95 3.94 14.02
C VAL A 41 4.90 3.08 14.74
N LEU A 42 5.17 1.78 14.84
CA LEU A 42 4.24 0.86 15.49
C LEU A 42 3.96 1.28 16.92
N GLN A 43 5.02 1.62 17.65
CA GLN A 43 4.89 1.96 19.06
C GLN A 43 4.19 3.30 19.28
N ALA A 44 4.35 4.23 18.34
CA ALA A 44 3.71 5.56 18.44
C ALA A 44 2.22 5.54 18.07
N ARG A 45 1.78 4.48 17.41
CA ARG A 45 0.37 4.37 17.04
C ARG A 45 -0.51 4.28 18.27
N ASP A 46 -1.63 4.97 18.18
CA ASP A 46 -2.71 4.89 19.15
C ASP A 46 -2.93 3.41 19.55
N GLN A 47 -3.06 3.18 20.85
CA GLN A 47 -3.16 1.84 21.40
C GLN A 47 -4.47 1.10 21.12
N SER A 48 -5.47 1.83 20.63
CA SER A 48 -6.71 1.22 20.14
C SER A 48 -6.63 0.78 18.67
N ASP A 49 -5.63 1.31 17.94
CA ASP A 49 -5.36 0.93 16.54
C ASP A 49 -4.84 -0.52 16.48
N TYR A 50 -5.54 -1.35 15.72
CA TYR A 50 -5.21 -2.78 15.64
C TYR A 50 -3.85 -3.06 15.00
N SER A 51 -3.34 -2.08 14.26
CA SER A 51 -2.02 -2.18 13.67
C SER A 51 -0.95 -1.60 14.62
N SER A 52 -1.35 -1.22 15.83
CA SER A 52 -0.40 -0.72 16.83
C SER A 52 0.46 -1.83 17.44
N PHE A 53 1.64 -1.46 17.93
CA PHE A 53 2.49 -2.36 18.71
C PHE A 53 1.72 -2.94 19.89
N PHE A 54 1.01 -2.07 20.61
CA PHE A 54 0.22 -2.46 21.79
C PHE A 54 -0.80 -3.55 21.47
N GLN A 55 -1.59 -3.36 20.40
CA GLN A 55 -2.59 -4.36 20.00
C GLN A 55 -1.97 -5.67 19.51
N LEU A 56 -0.89 -5.57 18.73
CA LEU A 56 -0.20 -6.77 18.23
C LEU A 56 0.29 -7.61 19.40
N GLY A 57 0.88 -6.95 20.41
CA GLY A 57 1.36 -7.60 21.63
C GLY A 57 0.18 -8.02 22.47
N GLY A 58 -0.92 -7.28 22.32
CA GLY A 58 -2.16 -7.53 23.05
C GLY A 58 -2.85 -8.86 22.77
N ILE A 59 -2.67 -9.40 21.57
CA ILE A 59 -3.31 -10.66 21.12
C ILE A 59 -2.95 -11.82 22.03
N HIS A 60 -1.65 -11.93 22.32
CA HIS A 60 -1.07 -13.06 23.03
C HIS A 60 -1.79 -13.35 24.34
N GLY A 61 -1.86 -12.35 25.24
CA GLY A 61 -2.52 -12.50 26.53
C GLY A 61 -3.50 -11.38 26.84
N LEU A 62 -3.13 -10.52 27.78
CA LEU A 62 -3.89 -9.32 28.11
C LEU A 62 -3.63 -8.19 27.10
N PRO A 63 -4.64 -7.35 26.83
CA PRO A 63 -5.97 -7.40 27.41
C PRO A 63 -6.86 -8.48 26.77
N TYR A 64 -7.85 -8.94 27.51
CA TYR A 64 -8.75 -9.95 26.98
C TYR A 64 -9.86 -9.31 26.15
N THR A 65 -9.45 -8.75 25.02
CA THR A 65 -10.34 -8.14 24.05
C THR A 65 -10.13 -8.81 22.69
N GLU A 66 -11.16 -8.77 21.84
CA GLU A 66 -11.05 -9.28 20.47
C GLU A 66 -10.11 -8.43 19.63
N TRP A 67 -9.35 -9.08 18.74
CA TRP A 67 -8.45 -8.35 17.86
C TRP A 67 -8.89 -8.32 16.41
N ALA A 68 -9.09 -7.10 15.89
CA ALA A 68 -9.34 -6.85 14.47
C ALA A 68 -10.57 -7.58 13.92
N LYS A 69 -11.60 -7.67 14.74
CA LYS A 69 -12.86 -8.28 14.31
C LYS A 69 -13.85 -7.24 13.80
N ALA A 70 -14.43 -7.51 12.63
CA ALA A 70 -15.41 -6.60 12.03
C ALA A 70 -16.76 -6.62 12.75
N GLN A 71 -16.96 -7.63 13.59
CA GLN A 71 -18.22 -7.83 14.29
C GLN A 71 -17.97 -8.53 15.63
N PRO A 72 -18.35 -7.89 16.75
CA PRO A 72 -18.07 -8.45 18.08
C PRO A 72 -18.91 -9.69 18.43
N GLN A 73 -18.41 -10.52 19.34
CA GLN A 73 -19.17 -11.64 19.88
C GLN A 73 -20.22 -11.14 20.86
N LEU A 74 -21.33 -11.87 21.00
CA LEU A 74 -22.36 -11.55 21.98
C LEU A 74 -21.84 -11.75 23.41
N HIS A 75 -21.20 -12.89 23.65
CA HIS A 75 -20.54 -13.17 24.93
C HIS A 75 -19.11 -13.64 24.69
N LEU A 76 -18.16 -12.81 25.08
CA LEU A 76 -16.74 -13.04 24.84
C LEU A 76 -16.10 -13.86 25.96
N TYR A 77 -15.45 -14.96 25.63
CA TYR A 77 -14.63 -15.66 26.60
C TYR A 77 -13.34 -14.87 26.82
N LYS A 78 -13.19 -14.29 28.01
CA LYS A 78 -12.07 -13.39 28.27
C LYS A 78 -10.83 -14.19 28.69
N ALA A 79 -9.94 -14.42 27.72
CA ALA A 79 -8.72 -15.20 27.93
C ALA A 79 -7.69 -14.90 26.85
N ASN A 80 -6.50 -15.46 27.04
CA ASN A 80 -5.42 -15.45 26.04
C ASN A 80 -5.93 -15.96 24.70
N TYR A 81 -5.43 -15.36 23.62
CA TYR A 81 -5.54 -15.98 22.29
C TYR A 81 -4.52 -17.10 22.12
N CYS A 82 -3.33 -16.93 22.73
CA CYS A 82 -2.25 -17.91 22.58
C CYS A 82 -2.65 -19.29 23.14
N THR A 83 -2.16 -20.33 22.49
CA THR A 83 -2.38 -21.68 22.93
C THR A 83 -1.06 -22.24 23.47
N HIS A 84 -1.11 -22.73 24.71
CA HIS A 84 0.08 -23.24 25.39
C HIS A 84 -0.31 -24.58 26.01
N GLY A 85 0.66 -25.48 26.16
CA GLY A 85 0.38 -26.86 26.60
C GLY A 85 -0.54 -27.67 25.68
N THR A 86 -0.46 -27.41 24.37
CA THR A 86 -1.27 -28.14 23.37
C THR A 86 -0.48 -28.46 22.10
N VAL A 87 -0.95 -29.46 21.36
CA VAL A 87 -0.33 -29.82 20.07
C VAL A 87 -0.24 -28.61 19.12
N LEU A 88 -1.02 -27.55 19.38
CA LEU A 88 -1.02 -26.38 18.48
C LEU A 88 -0.06 -25.28 18.90
N PHE A 89 0.71 -25.48 19.96
CA PHE A 89 1.63 -24.44 20.40
C PHE A 89 2.57 -23.91 19.29
N PRO A 90 3.29 -24.80 18.58
CA PRO A 90 4.21 -24.37 17.53
C PRO A 90 3.57 -23.61 16.37
N THR A 91 2.40 -24.05 15.94
CA THR A 91 1.79 -23.53 14.72
C THR A 91 1.03 -22.23 14.96
N TRP A 92 0.30 -22.16 16.08
CA TRP A 92 -0.33 -20.90 16.46
C TRP A 92 0.72 -19.79 16.51
N HIS A 93 1.88 -20.08 17.10
CA HIS A 93 2.93 -19.09 17.25
C HIS A 93 3.63 -18.72 15.95
N ARG A 94 3.69 -19.65 15.00
CA ARG A 94 4.13 -19.36 13.64
C ARG A 94 3.23 -18.30 13.00
N ALA A 95 1.91 -18.52 13.08
CA ALA A 95 0.94 -17.53 12.56
C ALA A 95 1.07 -16.20 13.27
N TYR A 96 1.22 -16.22 14.59
CA TYR A 96 1.35 -14.99 15.38
C TYR A 96 2.58 -14.18 14.98
N GLU A 97 3.71 -14.87 14.82
CA GLU A 97 4.95 -14.26 14.39
C GLU A 97 4.85 -13.57 13.02
N SER A 98 4.07 -14.15 12.10
CA SER A 98 3.88 -13.55 10.77
C SER A 98 2.90 -12.37 10.78
N THR A 99 1.93 -12.41 11.68
CA THR A 99 1.05 -11.27 11.83
C THR A 99 1.88 -10.03 12.22
N TRP A 100 2.79 -10.22 13.17
CA TRP A 100 3.70 -9.18 13.58
C TRP A 100 4.59 -8.75 12.43
N GLU A 101 5.18 -9.74 11.76
CA GLU A 101 6.15 -9.48 10.73
C GLU A 101 5.56 -8.65 9.60
N GLN A 102 4.35 -9.00 9.16
CA GLN A 102 3.70 -8.24 8.09
C GLN A 102 3.42 -6.80 8.51
N THR A 103 2.98 -6.61 9.75
CA THR A 103 2.70 -5.26 10.25
C THR A 103 3.97 -4.39 10.32
N LEU A 104 5.06 -5.00 10.76
CA LEU A 104 6.36 -4.34 10.81
C LEU A 104 6.84 -3.99 9.41
N TRP A 105 6.65 -4.92 8.50
CA TRP A 105 7.11 -4.78 7.14
C TRP A 105 6.36 -3.67 6.41
N GLU A 106 5.04 -3.62 6.60
CA GLU A 106 4.24 -2.53 6.03
C GLU A 106 4.70 -1.15 6.55
N ALA A 107 4.98 -1.07 7.85
CA ALA A 107 5.55 0.15 8.42
C ALA A 107 6.90 0.48 7.81
N ALA A 108 7.79 -0.50 7.70
CA ALA A 108 9.10 -0.28 7.09
C ALA A 108 9.03 0.23 5.65
N GLY A 109 8.00 -0.20 4.91
CA GLY A 109 7.76 0.27 3.54
C GLY A 109 7.54 1.78 3.44
N THR A 110 6.72 2.31 4.34
CA THR A 110 6.41 3.74 4.30
C THR A 110 7.63 4.56 4.71
N VAL A 111 8.36 4.07 5.72
CA VAL A 111 9.63 4.63 6.17
C VAL A 111 10.65 4.82 5.04
N ALA A 112 10.88 3.77 4.24
CA ALA A 112 11.90 3.83 3.18
C ALA A 112 11.64 4.92 2.13
N GLN A 113 10.36 5.26 1.96
CA GLN A 113 9.96 6.29 1.01
C GLN A 113 10.36 7.72 1.43
N ARG A 114 10.82 7.86 2.68
CA ARG A 114 11.21 9.15 3.24
C ARG A 114 12.69 9.50 3.08
N PHE A 115 13.53 8.51 2.83
CA PHE A 115 14.95 8.79 2.55
C PHE A 115 15.11 9.71 1.32
N THR A 116 16.05 10.66 1.40
CA THR A 116 16.22 11.66 0.35
C THR A 116 17.65 11.70 -0.18
N THR A 117 18.47 10.73 0.22
CA THR A 117 19.86 10.62 -0.24
C THR A 117 19.98 10.02 -1.64
N SER A 118 21.19 10.00 -2.17
CA SER A 118 21.43 9.47 -3.50
C SER A 118 21.34 7.94 -3.52
N ASP A 119 21.19 7.33 -2.34
CA ASP A 119 21.07 5.87 -2.26
C ASP A 119 19.67 5.43 -1.85
N GLN A 120 18.67 6.22 -2.24
CA GLN A 120 17.29 5.97 -1.81
C GLN A 120 16.73 4.66 -2.32
N ALA A 121 17.06 4.30 -3.56
CA ALA A 121 16.68 3.00 -4.15
C ALA A 121 17.13 1.82 -3.29
N GLU A 122 18.38 1.88 -2.79
CA GLU A 122 18.92 0.87 -1.88
C GLU A 122 18.07 0.77 -0.60
N TRP A 123 17.63 1.92 -0.08
CA TRP A 123 16.73 1.93 1.11
C TRP A 123 15.38 1.27 0.80
N ILE A 124 14.89 1.44 -0.42
CA ILE A 124 13.59 0.89 -0.82
C ILE A 124 13.67 -0.63 -0.97
N GLN A 125 14.74 -1.10 -1.59
CA GLN A 125 15.01 -2.53 -1.75
C GLN A 125 15.22 -3.19 -0.38
N ALA A 126 15.94 -2.50 0.50
CA ALA A 126 16.17 -2.99 1.86
C ALA A 126 14.87 -3.24 2.62
N ALA A 127 13.92 -2.31 2.47
CA ALA A 127 12.65 -2.42 3.19
C ALA A 127 11.85 -3.65 2.77
N LYS A 128 11.85 -4.00 1.49
CA LYS A 128 11.10 -5.20 1.10
C LYS A 128 11.85 -6.50 1.39
N ASP A 129 13.17 -6.45 1.49
CA ASP A 129 13.91 -7.63 1.93
C ASP A 129 13.89 -7.81 3.45
N LEU A 130 13.51 -6.76 4.19
CA LEU A 130 13.50 -6.78 5.65
C LEU A 130 12.60 -7.87 6.23
N ARG A 131 13.15 -8.66 7.15
CA ARG A 131 12.39 -9.68 7.90
C ARG A 131 12.72 -9.55 9.38
N GLN A 132 11.94 -10.19 10.24
CA GLN A 132 12.19 -10.17 11.69
C GLN A 132 13.36 -11.09 12.07
N PRO A 133 14.39 -10.52 12.72
CA PRO A 133 15.55 -11.32 13.12
C PRO A 133 15.30 -12.23 14.33
N PHE A 134 16.15 -13.24 14.51
CA PHE A 134 16.02 -14.22 15.58
C PHE A 134 17.21 -14.23 16.53
N TRP A 135 16.93 -14.54 17.78
CA TRP A 135 17.97 -14.76 18.76
C TRP A 135 18.20 -16.27 18.88
N ASP A 136 19.33 -16.74 18.36
CA ASP A 136 19.68 -18.16 18.42
C ASP A 136 20.19 -18.48 19.82
N TRP A 137 19.26 -18.64 20.76
CA TRP A 137 19.64 -18.91 22.15
C TRP A 137 20.33 -20.25 22.45
N GLY A 138 20.32 -21.16 21.48
CA GLY A 138 20.99 -22.46 21.68
C GLY A 138 22.44 -22.53 21.23
N TYR A 139 22.94 -21.50 20.58
CA TYR A 139 24.33 -21.49 20.13
C TYR A 139 25.29 -21.02 21.22
N TRP A 140 26.30 -21.85 21.52
CA TRP A 140 27.36 -21.46 22.46
C TRP A 140 28.72 -21.91 21.94
N PRO A 141 29.49 -20.97 21.37
CA PRO A 141 30.79 -21.26 20.76
C PRO A 141 31.91 -21.47 21.78
N ASN A 142 31.60 -22.21 22.86
CA ASN A 142 32.58 -22.61 23.87
C ASN A 142 33.42 -21.43 24.40
N ASP A 143 32.73 -20.31 24.66
CA ASP A 143 33.32 -19.05 25.07
C ASP A 143 32.48 -18.52 26.23
N PRO A 144 33.03 -18.56 27.47
CA PRO A 144 32.33 -18.12 28.69
C PRO A 144 31.73 -16.70 28.61
N ASP A 145 32.32 -15.81 27.82
CA ASP A 145 31.85 -14.44 27.70
C ASP A 145 30.84 -14.22 26.57
N PHE A 146 30.68 -15.22 25.68
CA PHE A 146 29.74 -15.11 24.56
C PHE A 146 28.31 -14.81 25.04
N ILE A 147 27.70 -13.83 24.39
CA ILE A 147 26.28 -13.55 24.57
C ILE A 147 25.66 -13.56 23.16
N GLY A 148 24.51 -14.21 23.04
CA GLY A 148 23.86 -14.29 21.74
C GLY A 148 23.05 -13.07 21.34
N LEU A 149 23.03 -12.06 22.20
CA LEU A 149 22.31 -10.83 21.92
C LEU A 149 23.26 -9.63 21.95
N PRO A 150 23.16 -8.72 20.96
CA PRO A 150 24.02 -7.53 20.91
C PRO A 150 23.51 -6.41 21.84
N ASP A 151 24.35 -5.40 22.08
CA ASP A 151 24.02 -4.30 22.99
C ASP A 151 22.80 -3.49 22.53
N GLN A 152 22.58 -3.44 21.22
CA GLN A 152 21.44 -2.76 20.66
C GLN A 152 20.09 -3.33 21.15
N VAL A 153 20.09 -4.61 21.52
CA VAL A 153 18.90 -5.27 22.01
C VAL A 153 18.77 -5.15 23.54
N ILE A 154 19.89 -5.31 24.27
CA ILE A 154 19.84 -5.47 25.72
C ILE A 154 20.53 -4.43 26.60
N ARG A 155 21.27 -3.48 26.03
CA ARG A 155 22.01 -2.51 26.83
C ARG A 155 21.77 -1.06 26.45
N ASP A 156 21.92 -0.75 25.17
CA ASP A 156 21.96 0.64 24.69
C ASP A 156 20.65 1.38 24.90
N LYS A 157 20.70 2.47 25.65
CA LYS A 157 19.53 3.32 25.88
C LYS A 157 19.19 4.12 24.62
N GLN A 158 20.22 4.42 23.84
CA GLN A 158 20.05 5.06 22.55
C GLN A 158 20.85 4.28 21.52
N VAL A 159 20.38 4.28 20.28
CA VAL A 159 21.07 3.59 19.18
C VAL A 159 21.33 4.56 18.04
N GLU A 160 22.42 4.29 17.31
CA GLU A 160 22.80 5.09 16.14
C GLU A 160 22.10 4.51 14.93
N ILE A 161 21.37 5.34 14.20
CA ILE A 161 20.74 4.94 12.95
C ILE A 161 21.07 6.03 11.93
N THR A 162 20.73 5.79 10.66
CA THR A 162 20.90 6.78 9.61
C THR A 162 19.59 7.55 9.38
N ASP A 163 19.66 8.87 9.54
CA ASP A 163 18.56 9.79 9.25
C ASP A 163 18.32 9.93 7.73
N TYR A 164 17.14 10.44 7.37
CA TYR A 164 16.68 10.52 5.98
C TYR A 164 17.56 11.35 5.03
N ASN A 165 18.24 12.37 5.55
CA ASN A 165 19.22 13.12 4.77
C ASN A 165 20.65 12.52 4.81
N GLY A 166 20.76 11.27 5.27
CA GLY A 166 22.04 10.54 5.32
C GLY A 166 22.92 10.81 6.52
N THR A 167 22.39 11.55 7.49
CA THR A 167 23.16 11.95 8.66
C THR A 167 23.04 10.93 9.80
N LYS A 168 24.08 10.83 10.62
CA LYS A 168 24.07 9.90 11.76
C LYS A 168 23.36 10.53 12.95
N ILE A 169 22.35 9.83 13.44
CA ILE A 169 21.64 10.32 14.62
C ILE A 169 21.48 9.21 15.66
N GLU A 170 21.29 9.62 16.91
CA GLU A 170 20.95 8.70 17.99
C GLU A 170 19.44 8.84 18.27
N VAL A 171 18.77 7.73 18.55
CA VAL A 171 17.37 7.79 18.99
C VAL A 171 17.17 6.92 20.21
N GLU A 172 16.14 7.24 21.01
CA GLU A 172 15.80 6.34 22.12
C GLU A 172 15.59 4.95 21.53
N ASN A 173 16.08 3.94 22.22
CA ASN A 173 16.08 2.59 21.70
C ASN A 173 14.70 1.95 21.84
N PRO A 174 13.96 1.80 20.72
CA PRO A 174 12.64 1.17 20.84
C PRO A 174 12.68 -0.34 21.11
N ILE A 175 13.85 -0.97 21.02
CA ILE A 175 13.99 -2.42 21.20
C ILE A 175 14.17 -2.76 22.67
N LEU A 176 14.81 -1.86 23.40
CA LEU A 176 15.11 -2.07 24.81
C LEU A 176 13.84 -2.14 25.67
N HIS A 177 12.89 -1.25 25.40
CA HIS A 177 11.62 -1.21 26.13
C HIS A 177 10.47 -0.85 25.20
N TYR A 178 9.26 -1.18 25.64
CA TYR A 178 8.06 -0.47 25.18
C TYR A 178 7.50 0.40 26.33
N LYS A 179 7.31 1.69 26.07
CA LYS A 179 6.63 2.56 27.02
C LYS A 179 5.13 2.56 26.73
N PHE A 180 4.33 2.04 27.67
CA PHE A 180 2.86 2.05 27.58
C PHE A 180 2.30 3.46 27.54
N HIS A 181 1.23 3.66 26.77
CA HIS A 181 0.56 4.97 26.70
C HIS A 181 -0.94 4.84 26.39
N PRO A 182 -1.75 4.55 27.41
CA PRO A 182 -1.36 4.34 28.82
C PRO A 182 -1.15 2.86 29.16
N ILE A 183 -0.66 2.60 30.38
CA ILE A 183 -0.67 1.25 30.95
C ILE A 183 -2.07 0.63 30.78
N GLU A 184 -2.14 -0.63 30.39
CA GLU A 184 -3.42 -1.33 30.23
C GLU A 184 -4.24 -1.35 31.53
N PRO A 185 -5.46 -0.78 31.51
CA PRO A 185 -6.32 -0.74 32.70
C PRO A 185 -6.52 -2.09 33.41
N THR A 186 -6.45 -3.20 32.67
CA THR A 186 -6.70 -4.51 33.30
C THR A 186 -5.42 -5.22 33.75
N PHE A 187 -4.27 -4.53 33.71
CA PHE A 187 -3.06 -5.05 34.36
C PHE A 187 -3.20 -4.93 35.86
N GLU A 188 -2.82 -5.99 36.56
CA GLU A 188 -2.84 -5.99 38.02
C GLU A 188 -1.44 -6.19 38.60
N GLY A 189 -1.30 -5.95 39.90
CA GLY A 189 -0.03 -6.14 40.61
C GLY A 189 1.05 -5.17 40.18
N ASP A 190 2.27 -5.69 40.06
CA ASP A 190 3.43 -4.90 39.63
C ASP A 190 3.22 -4.30 38.24
N PHE A 191 2.55 -5.07 37.38
CA PHE A 191 2.26 -4.68 36.01
C PHE A 191 1.36 -3.45 35.88
N ALA A 192 0.49 -3.24 36.88
CA ALA A 192 -0.33 -2.03 36.94
C ALA A 192 0.55 -0.81 37.24
N GLN A 193 1.71 -1.05 37.84
CA GLN A 193 2.59 0.04 38.29
C GLN A 193 3.78 0.30 37.37
N TRP A 194 4.02 -0.59 36.41
CA TRP A 194 5.16 -0.45 35.50
C TRP A 194 4.82 0.28 34.19
N GLN A 195 5.38 1.49 34.02
CA GLN A 195 5.13 2.33 32.85
C GLN A 195 5.70 1.77 31.55
N THR A 196 6.86 1.13 31.63
CA THR A 196 7.46 0.47 30.49
C THR A 196 7.49 -1.04 30.75
N THR A 197 7.80 -1.83 29.72
CA THR A 197 8.15 -3.24 29.92
C THR A 197 9.44 -3.35 30.75
N MET A 198 9.52 -4.39 31.57
CA MET A 198 10.68 -4.58 32.47
C MET A 198 11.29 -5.96 32.37
N ARG A 199 12.62 -6.00 32.27
CA ARG A 199 13.36 -7.25 32.20
C ARG A 199 14.04 -7.56 33.53
N TYR A 200 14.02 -8.84 33.89
CA TYR A 200 14.73 -9.38 35.06
C TYR A 200 14.69 -8.50 36.33
N PRO A 201 13.47 -8.29 36.88
CA PRO A 201 13.34 -7.37 38.03
C PRO A 201 14.09 -7.83 39.29
N ASP A 202 14.39 -6.87 40.17
CA ASP A 202 14.90 -7.15 41.51
C ASP A 202 13.80 -6.95 42.56
N VAL A 203 14.15 -7.08 43.85
CA VAL A 203 13.17 -6.94 44.94
C VAL A 203 12.48 -5.58 44.94
N GLN A 204 13.20 -4.55 44.48
CA GLN A 204 12.70 -3.17 44.45
C GLN A 204 11.93 -2.82 43.17
N LYS A 205 11.71 -3.83 42.32
CA LYS A 205 10.87 -3.68 41.11
C LYS A 205 11.58 -2.89 39.98
N GLN A 206 12.89 -2.76 40.09
CA GLN A 206 13.73 -2.12 39.07
CA GLN A 206 13.71 -2.12 39.06
C GLN A 206 14.39 -3.20 38.22
N GLU A 207 14.84 -2.82 37.02
CA GLU A 207 15.55 -3.76 36.14
C GLU A 207 16.99 -4.10 36.58
N ASN A 208 17.27 -5.41 36.67
CA ASN A 208 18.62 -5.92 36.93
C ASN A 208 19.21 -6.54 35.66
N ILE A 209 19.68 -5.68 34.75
CA ILE A 209 20.21 -6.08 33.45
C ILE A 209 21.49 -6.93 33.52
N GLU A 210 22.44 -6.53 34.35
CA GLU A 210 23.69 -7.27 34.44
C GLU A 210 23.49 -8.65 35.09
N GLY A 211 22.59 -8.71 36.07
CA GLY A 211 22.11 -9.98 36.59
C GLY A 211 21.53 -10.86 35.48
N MET A 212 20.74 -10.26 34.61
CA MET A 212 20.15 -10.98 33.49
C MET A 212 21.24 -11.51 32.54
N ILE A 213 22.18 -10.64 32.20
CA ILE A 213 23.25 -11.02 31.29
C ILE A 213 24.11 -12.11 31.92
N ALA A 214 24.51 -11.94 33.18
CA ALA A 214 25.26 -12.98 33.91
C ALA A 214 24.56 -14.33 33.83
N GLY A 215 23.23 -14.33 34.03
CA GLY A 215 22.41 -15.55 33.99
C GLY A 215 22.31 -16.23 32.64
N ILE A 216 22.25 -15.42 31.57
CA ILE A 216 22.26 -15.93 30.20
C ILE A 216 23.58 -16.67 29.91
N LYS A 217 24.71 -16.03 30.20
CA LYS A 217 26.04 -16.61 29.98
C LYS A 217 26.23 -17.91 30.77
N ALA A 218 25.77 -17.91 32.02
CA ALA A 218 25.87 -19.07 32.88
C ALA A 218 24.99 -20.24 32.38
N ALA A 219 23.84 -19.92 31.81
CA ALA A 219 22.90 -20.95 31.39
C ALA A 219 23.24 -21.53 30.02
N ALA A 220 24.03 -20.78 29.25
CA ALA A 220 24.24 -21.04 27.82
C ALA A 220 24.79 -22.44 27.44
N PRO A 221 25.83 -22.94 28.16
CA PRO A 221 26.25 -24.32 27.86
C PRO A 221 25.15 -25.36 28.15
N GLY A 222 24.31 -25.06 29.13
CA GLY A 222 23.18 -25.92 29.45
C GLY A 222 22.16 -25.91 28.34
N PHE A 223 22.05 -24.77 27.67
CA PHE A 223 21.08 -24.58 26.60
C PHE A 223 21.52 -25.19 25.30
N ARG A 224 22.82 -25.19 25.05
CA ARG A 224 23.36 -25.90 23.91
C ARG A 224 22.88 -27.34 24.00
N GLU A 225 23.29 -28.05 25.05
CA GLU A 225 22.96 -29.47 25.23
C GLU A 225 21.46 -29.73 25.19
N TRP A 226 20.68 -28.89 25.87
CA TRP A 226 19.21 -29.02 25.88
C TRP A 226 18.56 -28.80 24.51
N THR A 227 18.93 -27.73 23.80
CA THR A 227 18.42 -27.51 22.44
C THR A 227 18.70 -28.70 21.52
N PHE A 228 19.92 -29.20 21.57
CA PHE A 228 20.35 -30.34 20.78
C PHE A 228 19.50 -31.58 21.07
N ASN A 229 19.22 -31.84 22.35
CA ASN A 229 18.37 -32.97 22.76
C ASN A 229 16.95 -32.80 22.26
N MET A 230 16.45 -31.58 22.36
CA MET A 230 15.12 -31.20 21.88
C MET A 230 14.96 -31.40 20.36
N LEU A 231 15.98 -31.01 19.60
CA LEU A 231 15.96 -31.21 18.16
C LEU A 231 16.16 -32.66 17.70
N THR A 232 16.92 -33.45 18.46
CA THR A 232 17.35 -34.77 17.97
C THR A 232 16.80 -36.00 18.68
N LYS A 233 16.15 -35.83 19.83
CA LYS A 233 15.59 -36.97 20.58
C LYS A 233 14.07 -37.07 20.45
N ASN A 234 13.45 -36.03 19.92
CA ASN A 234 12.03 -36.06 19.66
C ASN A 234 11.77 -36.54 18.26
N TYR A 235 10.92 -37.56 18.14
CA TYR A 235 10.59 -38.12 16.84
C TYR A 235 9.12 -38.00 16.51
N THR A 236 8.30 -37.61 17.48
CA THR A 236 6.84 -37.47 17.31
C THR A 236 6.43 -36.06 17.68
N TRP A 237 5.33 -35.60 17.06
CA TRP A 237 4.81 -34.26 17.30
C TRP A 237 4.38 -34.04 18.74
N GLU A 238 3.71 -35.03 19.34
CA GLU A 238 3.23 -34.93 20.71
C GLU A 238 4.35 -34.55 21.68
N LEU A 239 5.46 -35.30 21.66
CA LEU A 239 6.57 -35.05 22.58
C LEU A 239 7.35 -33.79 22.25
N PHE A 240 7.41 -33.46 20.96
CA PHE A 240 8.11 -32.26 20.51
C PHE A 240 7.34 -30.96 20.78
N SER A 241 6.02 -30.99 20.60
CA SER A 241 5.28 -29.74 20.39
C SER A 241 4.92 -28.96 21.65
N ASN A 242 4.75 -29.66 22.77
CA ASN A 242 4.18 -29.03 23.95
C ASN A 242 4.70 -29.61 25.26
N HIS A 243 4.46 -28.89 26.37
CA HIS A 243 5.08 -29.23 27.65
C HIS A 243 4.33 -30.25 28.52
N GLY A 244 3.24 -30.81 27.99
CA GLY A 244 2.47 -31.86 28.67
C GLY A 244 1.20 -31.39 29.35
N ALA A 245 0.30 -32.35 29.60
CA ALA A 245 -0.97 -32.13 30.32
C ALA A 245 -0.73 -31.82 31.80
N VAL A 246 0.38 -32.33 32.32
CA VAL A 246 1.00 -31.84 33.54
C VAL A 246 2.22 -31.07 33.03
N VAL A 247 2.23 -29.75 33.24
CA VAL A 247 3.31 -28.90 32.71
C VAL A 247 4.68 -29.29 33.31
N GLY A 248 5.53 -29.89 32.46
CA GLY A 248 6.81 -30.42 32.92
C GLY A 248 7.08 -31.86 32.51
N ALA A 249 6.00 -32.61 32.25
CA ALA A 249 6.09 -34.05 31.90
C ALA A 249 6.75 -34.33 30.54
N HIS A 250 6.65 -33.37 29.62
CA HIS A 250 7.39 -33.39 28.34
C HIS A 250 8.63 -32.50 28.48
N ALA A 251 9.58 -32.92 29.31
CA ALA A 251 10.74 -32.11 29.68
C ALA A 251 11.62 -31.67 28.50
N ASN A 252 11.53 -32.40 27.39
CA ASN A 252 12.41 -32.19 26.24
C ASN A 252 11.77 -31.47 25.06
N SER A 253 10.55 -30.97 25.24
CA SER A 253 9.81 -30.34 24.16
C SER A 253 10.33 -28.94 23.84
N LEU A 254 10.04 -28.50 22.61
CA LEU A 254 10.29 -27.14 22.17
C LEU A 254 9.66 -26.15 23.14
N GLU A 255 8.47 -26.45 23.61
CA GLU A 255 7.75 -25.51 24.48
C GLU A 255 8.49 -25.33 25.81
N MET A 256 8.97 -26.43 26.36
CA MET A 256 9.64 -26.40 27.67
C MET A 256 10.97 -25.64 27.65
N VAL A 257 11.82 -25.94 26.68
CA VAL A 257 13.05 -25.14 26.46
C VAL A 257 12.70 -23.63 26.27
N HIS A 258 11.71 -23.36 25.41
CA HIS A 258 11.16 -22.01 25.23
C HIS A 258 10.61 -21.36 26.52
N ASN A 259 10.06 -22.15 27.44
CA ASN A 259 9.59 -21.63 28.73
C ASN A 259 10.76 -21.06 29.53
N THR A 260 11.80 -21.86 29.69
CA THR A 260 13.01 -21.46 30.41
C THR A 260 13.62 -20.18 29.84
N VAL A 261 13.61 -20.02 28.51
CA VAL A 261 14.14 -18.80 27.89
C VAL A 261 13.39 -17.54 28.34
N HIS A 262 12.05 -17.62 28.39
CA HIS A 262 11.24 -16.55 28.95
C HIS A 262 11.69 -16.16 30.36
N PHE A 263 12.00 -17.16 31.17
CA PHE A 263 12.43 -16.91 32.55
C PHE A 263 13.85 -16.35 32.66
N LEU A 264 14.68 -16.63 31.66
CA LEU A 264 16.01 -16.01 31.57
C LEU A 264 15.90 -14.49 31.43
N ILE A 265 14.96 -14.02 30.61
CA ILE A 265 14.73 -12.60 30.46
C ILE A 265 13.85 -12.07 31.59
N GLY A 266 12.75 -12.76 31.86
CA GLY A 266 11.68 -12.19 32.69
C GLY A 266 11.71 -12.41 34.19
N ARG A 267 12.52 -13.36 34.66
CA ARG A 267 12.40 -13.79 36.05
C ARG A 267 13.65 -14.35 36.73
N ASP A 268 14.15 -13.62 37.73
CA ASP A 268 15.25 -14.08 38.58
C ASP A 268 14.78 -15.26 39.44
N PRO A 269 15.38 -16.46 39.24
CA PRO A 269 14.93 -17.66 39.96
C PRO A 269 15.32 -17.70 41.44
N THR A 270 16.20 -16.80 41.87
CA THR A 270 16.72 -16.78 43.25
C THR A 270 15.80 -16.00 44.21
N LEU A 271 15.11 -15.00 43.66
CA LEU A 271 14.16 -14.18 44.43
C LEU A 271 13.03 -15.00 45.05
N ASP A 272 12.65 -14.63 46.26
CA ASP A 272 11.62 -15.32 47.02
C ASP A 272 10.93 -14.35 47.96
N PRO A 273 9.76 -13.82 47.56
CA PRO A 273 8.93 -14.33 46.46
C PRO A 273 9.42 -13.94 45.06
N LEU A 274 8.93 -14.69 44.08
CA LEU A 274 9.27 -14.47 42.68
C LEU A 274 8.70 -13.13 42.24
N VAL A 275 9.47 -12.42 41.40
CA VAL A 275 9.05 -11.12 40.89
C VAL A 275 9.33 -11.08 39.38
N PRO A 276 8.42 -11.67 38.57
CA PRO A 276 8.61 -11.67 37.12
C PRO A 276 8.30 -10.31 36.47
N GLY A 277 9.12 -9.95 35.49
CA GLY A 277 8.81 -8.86 34.56
C GLY A 277 7.96 -9.40 33.43
N HIS A 278 7.68 -8.57 32.43
CA HIS A 278 6.74 -8.95 31.35
C HIS A 278 7.02 -10.28 30.67
N MET A 279 8.28 -10.52 30.32
CA MET A 279 8.69 -11.76 29.65
C MET A 279 8.58 -13.03 30.51
N GLY A 280 8.56 -12.87 31.83
CA GLY A 280 8.34 -14.00 32.74
C GLY A 280 6.87 -14.30 33.06
N SER A 281 5.97 -13.64 32.35
CA SER A 281 4.53 -13.75 32.59
C SER A 281 3.77 -13.86 31.26
N VAL A 282 3.12 -15.01 31.05
CA VAL A 282 2.40 -15.32 29.79
C VAL A 282 1.39 -14.23 29.35
N PRO A 283 0.58 -13.72 30.29
CA PRO A 283 -0.35 -12.65 29.85
C PRO A 283 0.30 -11.30 29.46
N HIS A 284 1.59 -11.13 29.74
CA HIS A 284 2.29 -9.83 29.55
C HIS A 284 3.53 -9.87 28.64
N ALA A 285 4.01 -11.07 28.32
CA ALA A 285 5.28 -11.27 27.63
C ALA A 285 5.40 -10.55 26.27
N ALA A 286 4.31 -10.55 25.52
CA ALA A 286 4.34 -10.13 24.12
C ALA A 286 4.52 -8.63 23.92
N PHE A 287 4.49 -7.86 25.01
CA PHE A 287 4.70 -6.41 24.96
C PHE A 287 6.17 -6.06 24.92
N ASP A 288 7.03 -6.99 25.30
CA ASP A 288 8.45 -6.75 25.21
C ASP A 288 8.94 -7.07 23.79
N PRO A 289 9.58 -6.09 23.12
CA PRO A 289 10.07 -6.31 21.75
C PRO A 289 10.97 -7.55 21.52
N ILE A 290 11.60 -8.05 22.59
CA ILE A 290 12.49 -9.21 22.49
C ILE A 290 11.67 -10.51 22.38
N PHE A 291 10.38 -10.42 22.72
CA PHE A 291 9.44 -11.52 22.50
C PHE A 291 9.55 -12.03 21.05
N TRP A 292 9.67 -11.11 20.11
CA TRP A 292 9.64 -11.44 18.69
C TRP A 292 10.95 -12.07 18.20
N MET A 293 12.07 -11.67 18.78
CA MET A 293 13.33 -12.35 18.49
C MET A 293 13.34 -13.76 19.07
N HIS A 294 12.77 -13.92 20.26
CA HIS A 294 12.67 -15.22 20.92
C HIS A 294 11.80 -16.15 20.09
N HIS A 295 10.64 -15.64 19.69
CA HIS A 295 9.72 -16.43 18.91
C HIS A 295 10.13 -16.70 17.49
N CYS A 296 10.88 -15.78 16.91
CA CYS A 296 11.49 -16.00 15.63
C CYS A 296 12.41 -17.22 15.71
N ASN A 297 13.12 -17.40 16.82
CA ASN A 297 13.95 -18.61 16.98
C ASN A 297 13.18 -19.91 17.24
N VAL A 298 12.14 -19.85 18.09
CA VAL A 298 11.18 -20.96 18.26
C VAL A 298 10.60 -21.43 16.90
N ASP A 299 10.32 -20.50 16.00
CA ASP A 299 9.80 -20.85 14.66
C ASP A 299 10.91 -21.44 13.78
N ARG A 300 12.12 -20.93 13.94
CA ARG A 300 13.29 -21.50 13.28
C ARG A 300 13.55 -22.93 13.74
N LEU A 301 13.58 -23.16 15.06
CA LEU A 301 13.78 -24.51 15.57
C LEU A 301 12.69 -25.46 15.09
N LEU A 302 11.45 -24.96 15.03
CA LEU A 302 10.37 -25.70 14.43
C LEU A 302 10.69 -26.08 12.98
N ALA A 303 11.20 -25.10 12.23
CA ALA A 303 11.52 -25.29 10.81
C ALA A 303 12.63 -26.33 10.63
N LEU A 304 13.56 -26.37 11.58
CA LEU A 304 14.67 -27.33 11.54
C LEU A 304 14.21 -28.74 11.87
N TRP A 305 13.33 -28.86 12.86
CA TRP A 305 12.79 -30.16 13.27
C TRP A 305 11.93 -30.75 12.16
N GLN A 306 11.08 -29.92 11.58
CA GLN A 306 10.25 -30.27 10.44
C GLN A 306 11.07 -30.81 9.28
N THR A 307 12.22 -30.19 9.03
CA THR A 307 13.08 -30.62 7.93
C THR A 307 13.69 -32.01 8.14
N MET A 308 14.20 -32.26 9.34
CA MET A 308 14.70 -33.57 9.70
C MET A 308 13.56 -34.59 9.80
N ASN A 309 12.40 -34.17 10.26
CA ASN A 309 11.25 -35.07 10.44
C ASN A 309 10.14 -34.73 9.47
N TYR A 310 10.43 -34.86 8.18
CA TYR A 310 9.49 -34.38 7.18
C TYR A 310 8.19 -35.15 7.21
N ASP A 311 7.10 -34.44 6.94
CA ASP A 311 5.75 -35.00 6.93
C ASP A 311 5.34 -35.61 8.27
N VAL A 312 6.02 -35.20 9.34
CA VAL A 312 5.61 -35.49 10.69
C VAL A 312 5.05 -34.17 11.24
N TYR A 313 3.73 -34.02 11.23
CA TYR A 313 3.11 -32.73 11.58
C TYR A 313 2.05 -32.93 12.67
N VAL A 314 1.21 -31.93 12.88
CA VAL A 314 0.30 -31.86 14.02
C VAL A 314 -0.47 -33.17 14.18
N SER A 315 -0.44 -33.73 15.37
CA SER A 315 -1.21 -34.93 15.68
C SER A 315 -2.34 -34.53 16.62
N GLU A 316 -3.44 -35.29 16.62
CA GLU A 316 -4.60 -34.95 17.44
C GLU A 316 -4.23 -34.89 18.93
N GLY A 317 -4.76 -33.87 19.61
CA GLY A 317 -4.56 -33.68 21.06
C GLY A 317 -5.77 -33.02 21.70
N MET A 318 -5.92 -33.19 23.00
CA MET A 318 -6.98 -32.53 23.74
C MET A 318 -6.66 -31.05 24.00
N ASN A 319 -7.69 -30.22 23.98
CA ASN A 319 -7.67 -28.86 24.52
C ASN A 319 -8.28 -28.83 25.91
N ARG A 320 -7.45 -28.53 26.91
CA ARG A 320 -7.86 -28.63 28.30
C ARG A 320 -8.29 -27.29 28.89
N GLU A 321 -7.52 -26.25 28.60
CA GLU A 321 -7.86 -24.89 28.99
C GLU A 321 -8.55 -24.16 27.87
N ALA A 322 -9.72 -23.60 28.16
CA ALA A 322 -10.38 -22.67 27.25
C ALA A 322 -9.48 -21.46 26.97
N THR A 323 -9.32 -21.14 25.69
CA THR A 323 -8.66 -19.90 25.25
C THR A 323 -9.62 -19.16 24.33
N MET A 324 -9.47 -17.84 24.24
CA MET A 324 -10.44 -16.96 23.57
C MET A 324 -11.05 -17.51 22.25
N GLY A 325 -10.31 -18.37 21.55
CA GLY A 325 -10.83 -19.00 20.34
C GLY A 325 -10.89 -20.52 20.33
N LEU A 326 -10.78 -21.18 21.49
CA LEU A 326 -10.81 -22.65 21.54
C LEU A 326 -11.66 -23.21 22.67
N ILE A 327 -12.51 -24.17 22.33
CA ILE A 327 -13.46 -24.77 23.26
C ILE A 327 -12.74 -25.68 24.26
N PRO A 328 -13.01 -25.50 25.56
CA PRO A 328 -12.45 -26.43 26.51
C PRO A 328 -13.04 -27.82 26.22
N GLY A 329 -12.19 -28.85 26.19
CA GLY A 329 -12.67 -30.22 25.96
C GLY A 329 -12.64 -30.71 24.53
N GLN A 330 -12.54 -29.80 23.57
CA GLN A 330 -12.52 -30.18 22.17
C GLN A 330 -11.19 -30.85 21.80
N VAL A 331 -11.21 -31.64 20.73
CA VAL A 331 -10.00 -32.23 20.18
C VAL A 331 -9.39 -31.26 19.21
N LEU A 332 -8.06 -31.18 19.23
CA LEU A 332 -7.34 -30.30 18.34
C LEU A 332 -6.62 -31.12 17.28
N THR A 333 -6.62 -30.60 16.04
CA THR A 333 -5.96 -31.22 14.90
C THR A 333 -5.33 -30.16 13.98
N GLU A 334 -4.76 -30.63 12.88
CA GLU A 334 -4.18 -29.76 11.86
C GLU A 334 -5.20 -28.87 11.11
N ASP A 335 -6.49 -29.18 11.26
CA ASP A 335 -7.58 -28.40 10.65
C ASP A 335 -8.32 -27.49 11.65
N SER A 336 -7.84 -27.45 12.90
CA SER A 336 -8.41 -26.58 13.94
C SER A 336 -8.10 -25.11 13.67
N PRO A 337 -9.07 -24.22 13.93
CA PRO A 337 -8.85 -22.78 13.70
C PRO A 337 -7.74 -22.21 14.59
N LEU A 338 -7.04 -21.20 14.07
CA LEU A 338 -6.01 -20.48 14.85
C LEU A 338 -6.37 -19.01 15.00
N GLU A 339 -7.38 -18.75 15.82
CA GLU A 339 -7.86 -17.42 16.12
C GLU A 339 -6.76 -16.59 16.78
N PRO A 340 -6.68 -15.30 16.43
CA PRO A 340 -7.59 -14.51 15.59
C PRO A 340 -7.09 -14.28 14.17
N PHE A 341 -6.39 -15.28 13.62
CA PHE A 341 -5.73 -15.15 12.33
C PHE A 341 -6.62 -15.62 11.18
N TYR A 342 -6.94 -14.70 10.28
CA TYR A 342 -7.80 -14.99 9.12
C TYR A 342 -7.05 -14.85 7.82
N THR A 343 -7.48 -15.60 6.81
CA THR A 343 -6.96 -15.48 5.46
C THR A 343 -7.71 -14.35 4.78
N LYS A 344 -7.19 -13.89 3.65
CA LYS A 344 -7.82 -12.82 2.85
C LYS A 344 -9.15 -13.29 2.26
N ASN A 345 -9.41 -14.60 2.34
CA ASN A 345 -10.68 -15.16 1.92
C ASN A 345 -11.65 -15.21 3.09
N GLN A 346 -11.25 -14.57 4.19
CA GLN A 346 -12.02 -14.52 5.44
C GLN A 346 -12.28 -15.88 6.13
N ASP A 347 -11.38 -16.85 5.89
CA ASP A 347 -11.36 -18.13 6.60
C ASP A 347 -10.34 -18.09 7.73
N PRO A 348 -10.56 -18.84 8.82
CA PRO A 348 -9.51 -18.93 9.84
C PRO A 348 -8.31 -19.72 9.33
N TRP A 349 -7.10 -19.30 9.69
CA TRP A 349 -5.92 -20.11 9.44
C TRP A 349 -5.96 -21.44 10.22
N GLN A 350 -5.42 -22.49 9.62
CA GLN A 350 -5.24 -23.80 10.25
C GLN A 350 -3.75 -24.09 10.21
N SER A 351 -3.28 -24.99 11.08
CA SER A 351 -1.90 -25.47 11.05
C SER A 351 -1.55 -25.97 9.65
N ASP A 352 -2.52 -26.63 9.04
CA ASP A 352 -2.51 -27.06 7.65
C ASP A 352 -1.85 -26.09 6.69
N ASP A 353 -2.31 -24.84 6.74
CA ASP A 353 -1.94 -23.86 5.74
C ASP A 353 -0.52 -23.35 5.91
N LEU A 354 0.08 -23.56 7.09
CA LEU A 354 1.40 -22.99 7.35
C LEU A 354 2.52 -23.98 7.65
N GLU A 355 2.29 -25.27 7.38
CA GLU A 355 3.35 -26.28 7.47
C GLU A 355 4.57 -25.80 6.69
N ASP A 356 4.33 -25.33 5.47
CA ASP A 356 5.36 -24.70 4.65
C ASP A 356 5.51 -23.21 4.98
N TRP A 357 6.48 -22.88 5.83
CA TRP A 357 6.75 -21.49 6.24
C TRP A 357 7.00 -20.53 5.06
N GLU A 358 7.53 -21.05 3.95
CA GLU A 358 7.83 -20.21 2.79
C GLU A 358 6.56 -19.59 2.20
N THR A 359 5.41 -20.15 2.56
CA THR A 359 4.12 -19.61 2.15
C THR A 359 3.85 -18.21 2.75
N LEU A 360 4.50 -17.88 3.85
CA LEU A 360 4.38 -16.56 4.49
C LEU A 360 5.44 -15.55 4.07
N GLY A 361 6.35 -15.98 3.21
CA GLY A 361 7.31 -15.08 2.57
C GLY A 361 8.69 -15.01 3.19
N PHE A 362 9.04 -16.01 3.99
CA PHE A 362 10.33 -16.04 4.63
C PHE A 362 10.99 -17.41 4.64
N SER A 363 12.29 -17.42 4.92
CA SER A 363 13.01 -18.64 5.19
C SER A 363 14.08 -18.32 6.26
N TYR A 364 15.00 -19.26 6.49
CA TYR A 364 16.12 -19.04 7.41
C TYR A 364 17.45 -19.33 6.74
N PRO A 365 18.53 -18.65 7.16
CA PRO A 365 19.76 -18.77 6.40
C PRO A 365 20.29 -20.19 6.43
N ASP A 366 19.85 -20.98 7.42
CA ASP A 366 20.22 -22.41 7.54
C ASP A 366 19.91 -23.24 6.28
N PHE A 367 18.88 -22.83 5.54
CA PHE A 367 18.34 -23.63 4.44
C PHE A 367 18.83 -23.16 3.08
N ASP A 368 19.67 -22.13 3.06
CA ASP A 368 20.28 -21.64 1.84
C ASP A 368 20.97 -22.73 1.01
N PRO A 369 21.77 -23.61 1.66
CA PRO A 369 22.52 -24.58 0.86
C PRO A 369 21.68 -25.75 0.34
N VAL A 370 20.45 -25.90 0.81
CA VAL A 370 19.64 -27.05 0.42
C VAL A 370 18.42 -26.66 -0.42
N LYS A 371 18.41 -25.45 -0.94
CA LYS A 371 17.31 -24.99 -1.79
C LYS A 371 17.15 -25.97 -2.95
N GLY A 372 15.90 -26.32 -3.25
CA GLY A 372 15.56 -27.15 -4.41
C GLY A 372 15.97 -28.60 -4.29
N LYS A 373 16.44 -29.00 -3.11
CA LYS A 373 16.86 -30.37 -2.87
C LYS A 373 15.74 -31.23 -2.30
N SER A 374 15.92 -32.54 -2.37
CA SER A 374 14.87 -33.44 -1.95
C SER A 374 14.66 -33.41 -0.43
N LYS A 375 13.43 -33.72 0.01
CA LYS A 375 13.15 -33.90 1.45
C LYS A 375 14.22 -34.72 2.13
N GLU A 376 14.56 -35.88 1.57
CA GLU A 376 15.57 -36.75 2.17
C GLU A 376 16.95 -36.11 2.26
N GLU A 377 17.36 -35.39 1.21
CA GLU A 377 18.67 -34.72 1.17
C GLU A 377 18.70 -33.57 2.18
N LYS A 378 17.62 -32.80 2.20
CA LYS A 378 17.47 -31.70 3.15
C LYS A 378 17.56 -32.23 4.56
N SER A 379 16.96 -33.39 4.82
CA SER A 379 16.94 -33.98 6.15
C SER A 379 18.32 -34.40 6.62
N VAL A 380 19.07 -35.07 5.74
CA VAL A 380 20.46 -35.47 5.99
C VAL A 380 21.33 -34.24 6.29
N TYR A 381 21.33 -33.27 5.38
CA TYR A 381 22.18 -32.08 5.50
C TYR A 381 21.94 -31.33 6.79
N ILE A 382 20.66 -31.12 7.11
CA ILE A 382 20.26 -30.38 8.29
C ILE A 382 20.60 -31.16 9.54
N ASN A 383 20.52 -32.49 9.48
CA ASN A 383 20.93 -33.31 10.62
C ASN A 383 22.43 -33.19 10.91
N ASP A 384 23.24 -33.13 9.85
CA ASP A 384 24.68 -32.84 9.99
C ASP A 384 24.92 -31.44 10.56
N TRP A 385 24.18 -30.46 10.07
CA TRP A 385 24.31 -29.06 10.49
C TRP A 385 23.98 -28.86 11.97
N VAL A 386 22.92 -29.52 12.42
CA VAL A 386 22.50 -29.47 13.81
C VAL A 386 23.54 -30.08 14.73
N HIS A 387 24.14 -31.19 14.30
CA HIS A 387 25.24 -31.79 15.01
C HIS A 387 26.48 -30.91 15.06
N LYS A 388 26.73 -30.15 13.99
CA LYS A 388 27.86 -29.21 13.98
C LYS A 388 27.58 -27.98 14.84
N HIS A 389 26.35 -27.47 14.79
CA HIS A 389 26.03 -26.18 15.39
C HIS A 389 25.62 -26.25 16.86
N TYR A 390 25.01 -27.38 17.27
CA TYR A 390 24.56 -27.56 18.65
C TYR A 390 25.17 -28.77 19.37
N GLY A 391 25.96 -29.57 18.65
CA GLY A 391 26.56 -30.79 19.19
C GLY A 391 27.64 -30.51 20.23
N SER B 1 21.29 13.61 -7.33
CA SER B 1 21.98 13.45 -6.02
C SER B 1 20.99 13.45 -4.83
N ASP B 2 19.75 13.85 -5.10
CA ASP B 2 18.73 14.11 -4.07
C ASP B 2 17.31 13.77 -4.57
N LYS B 3 16.34 13.74 -3.66
CA LYS B 3 14.94 13.49 -3.99
C LYS B 3 14.26 14.77 -4.53
N LYS B 4 13.58 14.67 -5.66
CA LYS B 4 12.91 15.82 -6.24
C LYS B 4 11.42 15.81 -5.93
N SER B 5 10.78 14.65 -6.14
CA SER B 5 9.33 14.51 -5.98
C SER B 5 8.89 13.61 -4.82
N LEU B 6 7.95 14.13 -4.04
CA LEU B 6 7.27 13.38 -2.99
C LEU B 6 6.22 12.38 -3.54
N MET B 7 5.76 12.59 -4.76
CA MET B 7 4.80 11.67 -5.39
C MET B 7 5.17 11.28 -6.82
N PRO B 8 6.08 10.30 -6.97
CA PRO B 8 6.38 9.86 -8.33
C PRO B 8 5.15 9.30 -9.04
N LEU B 9 5.08 9.54 -10.34
CA LEU B 9 4.12 8.92 -11.24
C LEU B 9 4.61 7.52 -11.59
N VAL B 10 3.83 6.50 -11.23
CA VAL B 10 4.22 5.10 -11.52
C VAL B 10 3.18 4.33 -12.33
N GLY B 11 1.95 4.86 -12.37
CA GLY B 11 0.82 4.16 -12.99
C GLY B 11 0.23 3.08 -12.08
N ILE B 12 -0.64 2.24 -12.65
CA ILE B 12 -1.35 1.23 -11.87
C ILE B 12 -0.60 -0.07 -12.02
N PRO B 13 -0.19 -0.68 -10.90
CA PRO B 13 0.47 -1.99 -10.92
C PRO B 13 -0.51 -3.10 -11.30
N GLY B 14 0.01 -4.33 -11.40
CA GLY B 14 -0.79 -5.49 -11.71
C GLY B 14 -1.06 -5.65 -13.20
N GLU B 15 -2.10 -6.41 -13.49
CA GLU B 15 -2.56 -6.64 -14.83
C GLU B 15 -3.11 -5.35 -15.44
N ILE B 16 -2.89 -5.17 -16.74
CA ILE B 16 -3.40 -4.02 -17.46
C ILE B 16 -4.93 -4.13 -17.67
N LYS B 17 -5.66 -3.06 -17.34
CA LYS B 17 -7.10 -3.02 -17.52
C LYS B 17 -7.51 -1.83 -18.37
N ASN B 18 -8.66 -1.94 -19.02
CA ASN B 18 -9.16 -0.88 -19.86
C ASN B 18 -9.79 0.31 -19.13
N ARG B 19 -9.54 1.50 -19.67
CA ARG B 19 -10.31 2.66 -19.32
C ARG B 19 -11.61 2.49 -20.10
N LEU B 20 -12.73 2.69 -19.43
CA LEU B 20 -14.00 2.37 -20.05
C LEU B 20 -14.73 3.59 -20.58
N ASN B 21 -15.61 3.37 -21.55
CA ASN B 21 -16.52 4.41 -22.00
C ASN B 21 -17.48 4.76 -20.87
N ILE B 22 -17.61 6.06 -20.60
CA ILE B 22 -18.45 6.56 -19.50
C ILE B 22 -19.87 6.01 -19.54
N LEU B 23 -20.42 5.82 -20.73
CA LEU B 23 -21.77 5.29 -20.92
C LEU B 23 -21.91 3.84 -20.43
N ASP B 24 -20.88 3.01 -20.58
CA ASP B 24 -20.86 1.64 -20.02
C ASP B 24 -20.46 1.64 -18.55
N PHE B 25 -19.62 2.60 -18.17
CA PHE B 25 -19.05 2.66 -16.84
C PHE B 25 -20.12 2.81 -15.77
N VAL B 26 -21.09 3.71 -16.03
CA VAL B 26 -22.16 4.02 -15.08
C VAL B 26 -23.17 2.88 -14.85
N LYS B 27 -23.22 1.93 -15.80
CA LYS B 27 -24.06 0.72 -15.66
C LYS B 27 -23.44 -0.31 -14.71
N ASN B 28 -22.15 -0.17 -14.43
CA ASN B 28 -21.42 -1.12 -13.59
C ASN B 28 -21.41 -0.60 -12.16
N ASP B 29 -22.29 -1.15 -11.33
CA ASP B 29 -22.52 -0.65 -9.97
C ASP B 29 -21.24 -0.61 -9.14
N LYS B 30 -20.39 -1.61 -9.34
CA LYS B 30 -19.12 -1.72 -8.61
C LYS B 30 -18.19 -0.58 -9.00
N PHE B 31 -17.97 -0.41 -10.30
CA PHE B 31 -17.08 0.64 -10.76
C PHE B 31 -17.60 2.00 -10.33
N PHE B 32 -18.93 2.17 -10.39
CA PHE B 32 -19.55 3.49 -10.17
C PHE B 32 -19.53 3.91 -8.70
N THR B 33 -19.92 2.98 -7.81
CA THR B 33 -19.85 3.22 -6.38
C THR B 33 -18.41 3.57 -5.99
N LEU B 34 -17.45 2.75 -6.44
CA LEU B 34 -16.06 2.94 -6.08
C LEU B 34 -15.56 4.29 -6.54
N TYR B 35 -15.90 4.65 -7.77
CA TYR B 35 -15.48 5.91 -8.36
C TYR B 35 -16.01 7.10 -7.56
N VAL B 36 -17.29 7.05 -7.20
CA VAL B 36 -17.93 8.12 -6.43
C VAL B 36 -17.33 8.23 -5.02
N ARG B 37 -17.15 7.07 -4.38
CA ARG B 37 -16.59 7.03 -3.03
C ARG B 37 -15.16 7.57 -2.98
N ALA B 38 -14.37 7.24 -4.02
CA ALA B 38 -12.97 7.66 -4.07
C ALA B 38 -12.88 9.15 -4.35
N LEU B 39 -13.69 9.60 -5.31
CA LEU B 39 -13.88 11.01 -5.62
C LEU B 39 -14.31 11.83 -4.39
N GLN B 40 -15.20 11.27 -3.57
CA GLN B 40 -15.54 11.87 -2.26
C GLN B 40 -14.30 11.98 -1.37
N VAL B 41 -13.44 10.95 -1.37
CA VAL B 41 -12.23 10.95 -0.54
C VAL B 41 -11.26 12.07 -0.92
N LEU B 42 -10.96 12.18 -2.22
CA LEU B 42 -10.03 13.20 -2.73
C LEU B 42 -10.52 14.63 -2.50
N GLN B 43 -11.78 14.86 -2.80
CA GLN B 43 -12.34 16.19 -2.65
C GLN B 43 -12.47 16.62 -1.17
N ALA B 44 -12.59 15.65 -0.28
CA ALA B 44 -12.69 15.93 1.17
C ALA B 44 -11.35 16.30 1.80
N ARG B 45 -10.27 15.86 1.15
CA ARG B 45 -8.89 16.14 1.60
C ARG B 45 -8.50 17.62 1.58
N ASP B 46 -7.69 18.01 2.56
CA ASP B 46 -7.21 19.38 2.71
C ASP B 46 -6.58 19.87 1.42
N GLN B 47 -6.91 21.10 1.03
CA GLN B 47 -6.43 21.68 -0.24
C GLN B 47 -4.92 21.93 -0.28
N SER B 48 -4.26 21.73 0.87
CA SER B 48 -2.80 21.79 0.93
C SER B 48 -2.14 20.39 0.85
N ASP B 49 -2.96 19.34 0.92
CA ASP B 49 -2.52 17.96 0.69
C ASP B 49 -2.30 17.68 -0.82
N TYR B 50 -1.06 17.33 -1.18
CA TYR B 50 -0.68 17.07 -2.58
C TYR B 50 -1.49 15.93 -3.23
N SER B 51 -2.00 15.02 -2.40
CA SER B 51 -2.87 13.94 -2.88
C SER B 51 -4.37 14.32 -2.91
N SER B 52 -4.67 15.61 -2.76
CA SER B 52 -6.06 16.07 -2.76
C SER B 52 -6.55 16.41 -4.15
N PHE B 53 -7.87 16.38 -4.35
CA PHE B 53 -8.48 16.78 -5.61
C PHE B 53 -7.94 18.16 -6.02
N PHE B 54 -7.83 19.05 -5.03
CA PHE B 54 -7.46 20.43 -5.29
C PHE B 54 -6.06 20.54 -5.87
N GLN B 55 -5.11 19.86 -5.22
CA GLN B 55 -3.72 19.90 -5.65
C GLN B 55 -3.52 19.27 -7.04
N LEU B 56 -4.23 18.16 -7.32
CA LEU B 56 -4.18 17.53 -8.63
C LEU B 56 -4.71 18.43 -9.75
N GLY B 57 -5.92 18.96 -9.59
CA GLY B 57 -6.47 19.91 -10.55
C GLY B 57 -5.61 21.15 -10.64
N GLY B 58 -4.92 21.47 -9.55
CA GLY B 58 -4.08 22.67 -9.44
C GLY B 58 -2.79 22.65 -10.23
N ILE B 59 -2.29 21.47 -10.58
CA ILE B 59 -1.06 21.32 -11.39
C ILE B 59 -1.20 22.06 -12.73
N HIS B 60 -2.34 21.81 -13.37
CA HIS B 60 -2.65 22.27 -14.73
C HIS B 60 -2.42 23.78 -14.94
N GLY B 61 -3.09 24.61 -14.16
CA GLY B 61 -2.95 26.08 -14.21
C GLY B 61 -2.71 26.69 -12.85
N LEU B 62 -3.68 27.48 -12.37
CA LEU B 62 -3.66 28.07 -11.03
C LEU B 62 -3.96 27.02 -9.94
N PRO B 63 -3.44 27.22 -8.70
CA PRO B 63 -2.50 28.27 -8.34
C PRO B 63 -1.10 28.01 -8.90
N TYR B 64 -0.33 29.09 -9.08
CA TYR B 64 1.02 28.95 -9.58
C TYR B 64 1.96 28.58 -8.42
N THR B 65 1.83 27.34 -7.96
CA THR B 65 2.64 26.77 -6.88
C THR B 65 3.20 25.39 -7.29
N GLU B 66 4.33 25.00 -6.69
CA GLU B 66 4.99 23.72 -6.99
C GLU B 66 4.21 22.54 -6.41
N TRP B 67 4.15 21.45 -7.16
CA TRP B 67 3.39 20.28 -6.73
C TRP B 67 4.32 19.14 -6.30
N ALA B 68 4.15 18.69 -5.06
CA ALA B 68 4.91 17.59 -4.45
C ALA B 68 6.43 17.60 -4.64
N LYS B 69 7.04 18.78 -4.55
CA LYS B 69 8.48 18.87 -4.64
C LYS B 69 9.06 18.84 -3.24
N ALA B 70 10.08 18.00 -3.06
CA ALA B 70 10.73 17.81 -1.76
C ALA B 70 11.56 19.02 -1.33
N GLN B 71 11.98 19.83 -2.29
CA GLN B 71 12.84 20.97 -2.03
C GLN B 71 12.33 22.14 -2.85
N PRO B 72 11.92 23.22 -2.17
CA PRO B 72 11.36 24.37 -2.88
C PRO B 72 12.37 25.01 -3.83
N GLN B 73 11.87 25.58 -4.92
CA GLN B 73 12.70 26.34 -5.83
C GLN B 73 13.09 27.68 -5.18
N LEU B 74 14.29 28.18 -5.47
CA LEU B 74 14.77 29.46 -4.93
C LEU B 74 13.94 30.66 -5.46
N HIS B 75 13.81 30.74 -6.78
CA HIS B 75 12.90 31.66 -7.43
C HIS B 75 12.01 30.84 -8.38
N LEU B 76 10.74 30.72 -8.01
CA LEU B 76 9.79 29.97 -8.80
C LEU B 76 9.18 30.84 -9.89
N TYR B 77 9.04 30.30 -11.09
CA TYR B 77 8.37 31.00 -12.19
C TYR B 77 6.87 30.69 -12.19
N LYS B 78 6.08 31.75 -12.01
CA LYS B 78 4.64 31.63 -11.81
C LYS B 78 3.89 31.48 -13.13
N ALA B 79 3.59 30.23 -13.47
CA ALA B 79 2.85 29.89 -14.66
C ALA B 79 2.24 28.51 -14.50
N ASN B 80 1.34 28.17 -15.43
CA ASN B 80 0.81 26.82 -15.58
C ASN B 80 1.94 25.82 -15.70
N TYR B 81 1.72 24.61 -15.19
CA TYR B 81 2.61 23.49 -15.51
C TYR B 81 2.27 22.99 -16.92
N CYS B 82 0.97 22.96 -17.26
CA CYS B 82 0.53 22.37 -18.52
C CYS B 82 1.15 23.07 -19.70
N THR B 83 1.41 22.31 -20.76
CA THR B 83 1.97 22.85 -21.98
C THR B 83 0.91 22.80 -23.07
N HIS B 84 0.76 23.92 -23.77
CA HIS B 84 -0.34 24.14 -24.69
C HIS B 84 0.21 24.86 -25.92
N GLY B 85 -0.20 24.43 -27.10
CA GLY B 85 0.36 24.99 -28.34
C GLY B 85 1.80 24.58 -28.64
N THR B 86 2.20 23.41 -28.13
CA THR B 86 3.54 22.89 -28.35
C THR B 86 3.47 21.43 -28.76
N VAL B 87 4.58 20.92 -29.29
CA VAL B 87 4.64 19.51 -29.70
C VAL B 87 4.46 18.55 -28.52
N LEU B 88 4.49 19.07 -27.29
CA LEU B 88 4.35 18.24 -26.11
C LEU B 88 2.96 18.24 -25.49
N PHE B 89 2.00 18.91 -26.13
CA PHE B 89 0.62 18.90 -25.62
C PHE B 89 0.07 17.49 -25.34
N PRO B 90 0.12 16.56 -26.32
CA PRO B 90 -0.54 15.28 -26.08
C PRO B 90 0.14 14.46 -24.98
N THR B 91 1.46 14.44 -24.94
CA THR B 91 2.22 13.60 -24.03
C THR B 91 2.27 14.13 -22.58
N TRP B 92 2.39 15.45 -22.40
CA TRP B 92 2.30 16.02 -21.06
C TRP B 92 0.96 15.68 -20.44
N HIS B 93 -0.08 15.69 -21.25
CA HIS B 93 -1.42 15.41 -20.77
C HIS B 93 -1.62 13.91 -20.51
N ARG B 94 -0.87 13.05 -21.19
CA ARG B 94 -0.89 11.61 -20.89
C ARG B 94 -0.36 11.36 -19.47
N ALA B 95 0.79 12.00 -19.14
CA ALA B 95 1.36 11.89 -17.80
C ALA B 95 0.43 12.49 -16.73
N TYR B 96 -0.13 13.68 -17.00
CA TYR B 96 -1.14 14.28 -16.11
C TYR B 96 -2.29 13.31 -15.74
N GLU B 97 -2.89 12.71 -16.76
CA GLU B 97 -4.04 11.80 -16.60
C GLU B 97 -3.70 10.55 -15.80
N SER B 98 -2.47 10.06 -15.93
CA SER B 98 -2.03 8.89 -15.17
C SER B 98 -1.68 9.23 -13.73
N THR B 99 -1.37 10.49 -13.46
CA THR B 99 -1.05 10.95 -12.10
C THR B 99 -2.35 11.07 -11.32
N TRP B 100 -3.39 11.55 -11.98
CA TRP B 100 -4.72 11.61 -11.43
C TRP B 100 -5.24 10.19 -11.16
N GLU B 101 -5.27 9.38 -12.22
CA GLU B 101 -5.73 8.01 -12.15
C GLU B 101 -5.04 7.22 -11.03
N GLN B 102 -3.72 7.35 -10.88
CA GLN B 102 -3.03 6.64 -9.80
C GLN B 102 -3.45 7.13 -8.40
N THR B 103 -3.62 8.43 -8.21
CA THR B 103 -4.10 8.94 -6.92
C THR B 103 -5.53 8.46 -6.65
N LEU B 104 -6.39 8.54 -7.65
CA LEU B 104 -7.74 8.01 -7.54
C LEU B 104 -7.78 6.51 -7.23
N TRP B 105 -6.92 5.75 -7.92
CA TRP B 105 -6.94 4.30 -7.83
C TRP B 105 -6.57 3.83 -6.43
N GLU B 106 -5.61 4.49 -5.78
CA GLU B 106 -5.28 4.14 -4.41
C GLU B 106 -6.35 4.54 -3.41
N ALA B 107 -7.10 5.60 -3.72
CA ALA B 107 -8.26 5.99 -2.93
C ALA B 107 -9.37 4.92 -3.00
N ALA B 108 -9.60 4.39 -4.19
CA ALA B 108 -10.56 3.29 -4.38
C ALA B 108 -10.16 2.05 -3.61
N GLY B 109 -8.85 1.78 -3.55
CA GLY B 109 -8.30 0.66 -2.80
C GLY B 109 -8.61 0.72 -1.31
N THR B 110 -8.60 1.92 -0.76
CA THR B 110 -8.98 2.17 0.63
C THR B 110 -10.46 1.91 0.85
N VAL B 111 -11.28 2.41 -0.07
CA VAL B 111 -12.74 2.26 0.01
C VAL B 111 -13.18 0.80 -0.06
N ALA B 112 -12.55 0.02 -0.94
CA ALA B 112 -12.90 -1.41 -1.12
C ALA B 112 -12.79 -2.25 0.16
N GLN B 113 -11.83 -1.91 1.03
CA GLN B 113 -11.63 -2.61 2.30
C GLN B 113 -12.75 -2.37 3.35
N ARG B 114 -13.60 -1.37 3.10
CA ARG B 114 -14.65 -0.97 4.04
C ARG B 114 -15.94 -1.76 3.86
N PHE B 115 -16.08 -2.42 2.70
CA PHE B 115 -17.26 -3.25 2.42
C PHE B 115 -17.31 -4.52 3.27
N THR B 116 -18.49 -4.85 3.78
CA THR B 116 -18.65 -5.95 4.78
C THR B 116 -19.56 -7.09 4.33
N THR B 117 -20.04 -7.01 3.10
CA THR B 117 -20.97 -8.01 2.55
C THR B 117 -20.28 -9.30 2.11
N SER B 118 -21.09 -10.30 1.75
CA SER B 118 -20.63 -11.55 1.15
C SER B 118 -19.98 -11.23 -0.19
N ASP B 119 -20.36 -10.06 -0.68
CA ASP B 119 -19.89 -9.47 -1.92
C ASP B 119 -18.44 -8.99 -1.83
N GLN B 120 -17.82 -9.12 -0.66
CA GLN B 120 -16.55 -8.43 -0.35
C GLN B 120 -15.42 -8.65 -1.38
N ALA B 121 -15.16 -9.92 -1.73
CA ALA B 121 -14.13 -10.25 -2.71
C ALA B 121 -14.33 -9.48 -4.01
N GLU B 122 -15.59 -9.37 -4.43
CA GLU B 122 -15.95 -8.73 -5.69
C GLU B 122 -15.62 -7.23 -5.68
N TRP B 123 -15.77 -6.57 -4.53
CA TRP B 123 -15.41 -5.16 -4.37
C TRP B 123 -13.89 -4.94 -4.38
N ILE B 124 -13.14 -5.83 -3.74
CA ILE B 124 -11.68 -5.75 -3.71
C ILE B 124 -11.10 -5.91 -5.12
N GLN B 125 -11.57 -6.92 -5.85
CA GLN B 125 -11.11 -7.12 -7.22
C GLN B 125 -11.49 -5.93 -8.11
N ALA B 126 -12.70 -5.41 -7.94
CA ALA B 126 -13.18 -4.25 -8.70
C ALA B 126 -12.35 -2.97 -8.45
N ALA B 127 -11.86 -2.80 -7.24
CA ALA B 127 -10.98 -1.68 -6.95
C ALA B 127 -9.66 -1.75 -7.74
N LYS B 128 -9.15 -2.95 -7.94
CA LYS B 128 -7.91 -3.15 -8.68
C LYS B 128 -8.11 -2.93 -10.18
N ASP B 129 -9.28 -3.32 -10.67
CA ASP B 129 -9.60 -3.21 -12.11
C ASP B 129 -10.05 -1.82 -12.55
N LEU B 130 -10.31 -0.93 -11.59
CA LEU B 130 -10.82 0.42 -11.82
C LEU B 130 -9.85 1.34 -12.58
N ARG B 131 -10.34 1.97 -13.64
CA ARG B 131 -9.60 3.00 -14.39
C ARG B 131 -10.54 4.18 -14.70
N GLN B 132 -9.94 5.32 -15.08
CA GLN B 132 -10.67 6.55 -15.37
C GLN B 132 -11.48 6.41 -16.65
N PRO B 133 -12.80 6.62 -16.59
CA PRO B 133 -13.58 6.50 -17.82
C PRO B 133 -13.37 7.65 -18.81
N PHE B 134 -13.74 7.43 -20.07
CA PHE B 134 -13.61 8.41 -21.14
C PHE B 134 -14.95 8.82 -21.74
N TRP B 135 -15.08 10.09 -22.07
CA TRP B 135 -16.26 10.55 -22.80
C TRP B 135 -15.90 10.56 -24.29
N ASP B 136 -16.55 9.70 -25.05
CA ASP B 136 -16.30 9.54 -26.48
C ASP B 136 -17.05 10.61 -27.29
N TRP B 137 -16.47 11.81 -27.36
CA TRP B 137 -17.12 12.92 -28.05
C TRP B 137 -16.95 12.94 -29.58
N GLY B 138 -16.45 11.86 -30.15
CA GLY B 138 -16.40 11.73 -31.60
C GLY B 138 -17.51 10.83 -32.13
N TYR B 139 -18.21 10.13 -31.24
CA TYR B 139 -19.22 9.15 -31.66
C TYR B 139 -20.59 9.79 -31.83
N TRP B 140 -21.17 9.67 -33.02
CA TRP B 140 -22.55 10.14 -33.25
C TRP B 140 -23.38 9.13 -34.04
N PRO B 141 -24.26 8.38 -33.35
CA PRO B 141 -25.01 7.28 -33.97
C PRO B 141 -26.20 7.74 -34.80
N ASN B 142 -26.04 8.85 -35.52
CA ASN B 142 -27.11 9.38 -36.37
C ASN B 142 -28.44 9.61 -35.66
N ASP B 143 -28.35 10.05 -34.40
CA ASP B 143 -29.51 10.36 -33.57
C ASP B 143 -29.28 11.72 -32.93
N PRO B 144 -30.16 12.71 -33.22
CA PRO B 144 -30.02 14.07 -32.70
C PRO B 144 -30.33 14.20 -31.20
N ASP B 145 -30.94 13.18 -30.61
CA ASP B 145 -31.13 13.11 -29.15
C ASP B 145 -29.94 12.54 -28.40
N PHE B 146 -29.04 11.89 -29.12
CA PHE B 146 -27.88 11.28 -28.48
C PHE B 146 -26.97 12.31 -27.81
N ILE B 147 -26.63 12.02 -26.57
CA ILE B 147 -25.62 12.72 -25.79
C ILE B 147 -24.68 11.64 -25.30
N GLY B 148 -23.37 11.90 -25.34
CA GLY B 148 -22.38 10.89 -24.94
C GLY B 148 -22.01 10.91 -23.47
N LEU B 149 -22.81 11.58 -22.66
CA LEU B 149 -22.59 11.72 -21.23
C LEU B 149 -23.89 11.37 -20.51
N PRO B 150 -23.85 10.43 -19.55
CA PRO B 150 -25.05 10.05 -18.79
C PRO B 150 -25.50 11.11 -17.77
N ASP B 151 -26.73 10.97 -17.27
CA ASP B 151 -27.28 11.88 -16.27
C ASP B 151 -26.43 11.95 -15.00
N GLN B 152 -25.77 10.84 -14.68
CA GLN B 152 -24.90 10.77 -13.49
C GLN B 152 -23.69 11.72 -13.53
N VAL B 153 -23.36 12.22 -14.72
CA VAL B 153 -22.22 13.13 -14.87
C VAL B 153 -22.67 14.59 -14.99
N ILE B 154 -23.82 14.81 -15.62
CA ILE B 154 -24.22 16.17 -16.04
C ILE B 154 -25.51 16.74 -15.42
N ARG B 155 -26.32 15.87 -14.81
CA ARG B 155 -27.65 16.26 -14.37
C ARG B 155 -27.96 16.00 -12.90
N ASP B 156 -27.80 14.75 -12.47
CA ASP B 156 -28.25 14.32 -11.14
C ASP B 156 -27.54 15.04 -10.01
N LYS B 157 -28.32 15.58 -9.08
CA LYS B 157 -27.80 16.21 -7.90
C LYS B 157 -27.43 15.16 -6.84
N GLN B 158 -28.27 14.13 -6.70
CA GLN B 158 -27.94 12.99 -5.87
C GLN B 158 -27.65 11.83 -6.81
N VAL B 159 -26.74 10.95 -6.42
CA VAL B 159 -26.54 9.69 -7.15
C VAL B 159 -26.73 8.47 -6.26
N GLU B 160 -27.21 7.38 -6.88
CA GLU B 160 -27.45 6.11 -6.19
C GLU B 160 -26.19 5.25 -6.17
N ILE B 161 -25.76 4.88 -4.97
CA ILE B 161 -24.59 4.00 -4.79
C ILE B 161 -24.85 2.91 -3.74
N THR B 162 -24.08 1.84 -3.80
CA THR B 162 -24.16 0.79 -2.79
C THR B 162 -23.34 1.17 -1.54
N ASP B 163 -24.02 1.28 -0.40
CA ASP B 163 -23.38 1.52 0.91
C ASP B 163 -22.60 0.27 1.34
N TYR B 164 -21.79 0.42 2.39
CA TYR B 164 -20.86 -0.64 2.80
C TYR B 164 -21.53 -1.93 3.23
N ASN B 165 -22.69 -1.82 3.87
CA ASN B 165 -23.47 -2.97 4.29
C ASN B 165 -24.31 -3.58 3.16
N GLY B 166 -24.26 -2.96 1.99
CA GLY B 166 -24.99 -3.44 0.82
C GLY B 166 -26.28 -2.71 0.46
N THR B 167 -26.81 -1.94 1.39
CA THR B 167 -28.02 -1.14 1.12
C THR B 167 -27.75 0.04 0.16
N LYS B 168 -28.74 0.37 -0.66
CA LYS B 168 -28.63 1.48 -1.61
C LYS B 168 -28.90 2.85 -0.93
N ILE B 169 -28.08 3.85 -1.26
CA ILE B 169 -28.19 5.20 -0.70
C ILE B 169 -27.97 6.32 -1.73
N GLU B 170 -28.51 7.49 -1.43
CA GLU B 170 -28.37 8.67 -2.28
C GLU B 170 -27.36 9.62 -1.64
N VAL B 171 -26.28 9.93 -2.38
CA VAL B 171 -25.25 10.88 -1.91
C VAL B 171 -25.12 12.10 -2.86
N GLU B 172 -24.52 13.18 -2.35
CA GLU B 172 -24.30 14.40 -3.15
C GLU B 172 -23.28 14.11 -4.24
N ASN B 173 -23.67 14.40 -5.48
CA ASN B 173 -22.91 13.99 -6.66
C ASN B 173 -21.57 14.70 -6.76
N PRO B 174 -20.48 13.97 -6.50
CA PRO B 174 -19.19 14.65 -6.52
C PRO B 174 -18.65 14.86 -7.95
N ILE B 175 -19.28 14.23 -8.94
CA ILE B 175 -18.91 14.38 -10.35
C ILE B 175 -19.45 15.69 -10.94
N LEU B 176 -20.53 16.21 -10.37
CA LEU B 176 -21.19 17.40 -10.90
C LEU B 176 -20.39 18.69 -10.65
N HIS B 177 -19.86 18.85 -9.44
CA HIS B 177 -19.04 20.01 -9.12
C HIS B 177 -17.89 19.62 -8.21
N TYR B 178 -16.91 20.51 -8.10
CA TYR B 178 -16.03 20.48 -6.96
C TYR B 178 -16.25 21.75 -6.16
N LYS B 179 -16.58 21.60 -4.87
CA LYS B 179 -16.79 22.73 -3.97
C LYS B 179 -15.48 23.10 -3.27
N PHE B 180 -14.97 24.29 -3.61
CA PHE B 180 -13.71 24.81 -3.08
C PHE B 180 -13.82 25.07 -1.58
N HIS B 181 -12.90 24.49 -0.80
CA HIS B 181 -12.81 24.76 0.64
C HIS B 181 -11.39 25.15 1.09
N PRO B 182 -11.02 26.45 0.96
CA PRO B 182 -11.73 27.60 0.37
C PRO B 182 -11.44 27.83 -1.14
N ILE B 183 -12.08 28.86 -1.73
CA ILE B 183 -11.73 29.31 -3.09
C ILE B 183 -10.27 29.74 -3.08
N GLU B 184 -9.54 29.38 -4.12
CA GLU B 184 -8.14 29.73 -4.26
C GLU B 184 -7.96 31.26 -4.34
N PRO B 185 -7.22 31.86 -3.40
CA PRO B 185 -7.12 33.32 -3.29
C PRO B 185 -6.53 34.04 -4.51
N THR B 186 -5.79 33.31 -5.35
CA THR B 186 -5.21 33.90 -6.56
C THR B 186 -6.13 33.80 -7.77
N PHE B 187 -7.33 33.26 -7.57
CA PHE B 187 -8.39 33.35 -8.59
C PHE B 187 -8.81 34.80 -8.77
N GLU B 188 -9.03 35.21 -10.02
CA GLU B 188 -9.49 36.57 -10.34
C GLU B 188 -10.88 36.55 -11.00
N GLY B 189 -11.45 37.73 -11.26
CA GLY B 189 -12.75 37.84 -11.93
C GLY B 189 -13.83 36.96 -11.32
N ASP B 190 -14.67 36.37 -12.18
CA ASP B 190 -15.78 35.50 -11.75
C ASP B 190 -15.34 34.28 -10.94
N PHE B 191 -14.11 33.82 -11.19
CA PHE B 191 -13.53 32.68 -10.50
C PHE B 191 -13.23 32.92 -9.02
N ALA B 192 -13.08 34.19 -8.66
CA ALA B 192 -12.96 34.59 -7.26
C ALA B 192 -14.33 34.61 -6.57
N GLN B 193 -15.42 34.60 -7.36
CA GLN B 193 -16.78 34.64 -6.80
C GLN B 193 -17.50 33.28 -6.76
N TRP B 194 -16.98 32.30 -7.51
CA TRP B 194 -17.64 31.01 -7.63
C TRP B 194 -17.14 30.00 -6.59
N GLN B 195 -18.00 29.68 -5.62
CA GLN B 195 -17.68 28.73 -4.55
C GLN B 195 -17.45 27.31 -5.07
N THR B 196 -18.18 26.93 -6.11
CA THR B 196 -18.00 25.62 -6.73
C THR B 196 -17.56 25.82 -8.17
N THR B 197 -17.11 24.74 -8.82
CA THR B 197 -16.89 24.77 -10.26
C THR B 197 -18.25 24.96 -10.96
N MET B 198 -18.20 25.61 -12.13
CA MET B 198 -19.40 26.03 -12.83
C MET B 198 -19.29 25.71 -14.28
N ARG B 199 -20.35 25.10 -14.81
CA ARG B 199 -20.44 24.78 -16.23
C ARG B 199 -21.35 25.76 -16.95
N TYR B 200 -21.03 26.01 -18.23
CA TYR B 200 -21.86 26.76 -19.18
C TYR B 200 -22.69 27.90 -18.56
N PRO B 201 -22.02 28.97 -18.05
CA PRO B 201 -22.75 30.03 -17.35
C PRO B 201 -23.59 30.94 -18.25
N ASP B 202 -24.56 31.61 -17.65
CA ASP B 202 -25.32 32.67 -18.32
C ASP B 202 -24.83 34.05 -17.86
N VAL B 203 -25.54 35.13 -18.21
CA VAL B 203 -25.13 36.49 -17.76
C VAL B 203 -25.28 36.71 -16.26
N GLN B 204 -26.16 35.96 -15.62
CA GLN B 204 -26.32 36.04 -14.16
C GLN B 204 -25.16 35.34 -13.45
N LYS B 205 -24.33 34.64 -14.23
CA LYS B 205 -23.20 33.87 -13.73
C LYS B 205 -23.68 32.62 -13.00
N GLN B 206 -24.79 32.06 -13.48
CA GLN B 206 -25.31 30.81 -12.96
C GLN B 206 -25.12 29.73 -14.04
N GLU B 207 -25.15 28.47 -13.61
CA GLU B 207 -25.07 27.35 -14.54
C GLU B 207 -26.32 27.27 -15.41
N ASN B 208 -26.09 27.06 -16.71
CA ASN B 208 -27.14 26.83 -17.72
C ASN B 208 -27.00 25.41 -18.28
N ILE B 209 -27.27 24.41 -17.43
CA ILE B 209 -27.09 23.00 -17.82
C ILE B 209 -27.89 22.61 -19.06
N GLU B 210 -29.08 23.16 -19.21
CA GLU B 210 -29.98 22.78 -20.29
C GLU B 210 -29.52 23.32 -21.64
N GLY B 211 -29.00 24.54 -21.64
CA GLY B 211 -28.37 25.12 -22.82
C GLY B 211 -27.09 24.35 -23.16
N MET B 212 -26.34 23.97 -22.14
CA MET B 212 -25.12 23.20 -22.36
C MET B 212 -25.41 21.91 -23.13
N ILE B 213 -26.44 21.21 -22.69
CA ILE B 213 -26.82 19.94 -23.27
C ILE B 213 -27.35 20.12 -24.69
N ALA B 214 -28.23 21.08 -24.89
CA ALA B 214 -28.74 21.37 -26.22
C ALA B 214 -27.57 21.62 -27.16
N GLY B 215 -26.54 22.30 -26.66
CA GLY B 215 -25.35 22.66 -27.43
C GLY B 215 -24.46 21.48 -27.79
N ILE B 216 -24.30 20.54 -26.86
CA ILE B 216 -23.54 19.30 -27.10
C ILE B 216 -24.22 18.47 -28.19
N LYS B 217 -25.55 18.38 -28.12
CA LYS B 217 -26.29 17.58 -29.09
C LYS B 217 -26.23 18.20 -30.50
N ALA B 218 -26.36 19.52 -30.58
CA ALA B 218 -26.25 20.21 -31.88
C ALA B 218 -24.86 20.06 -32.47
N ALA B 219 -23.85 20.04 -31.60
CA ALA B 219 -22.46 20.00 -32.04
C ALA B 219 -22.01 18.60 -32.45
N ALA B 220 -22.62 17.57 -31.86
CA ALA B 220 -22.14 16.19 -32.01
C ALA B 220 -21.98 15.68 -33.45
N PRO B 221 -22.92 16.04 -34.36
CA PRO B 221 -22.66 15.57 -35.74
C PRO B 221 -21.37 16.17 -36.32
N GLY B 222 -21.13 17.45 -36.05
CA GLY B 222 -19.97 18.17 -36.59
C GLY B 222 -18.68 17.65 -36.01
N PHE B 223 -18.74 17.25 -34.74
CA PHE B 223 -17.60 16.66 -34.06
C PHE B 223 -17.22 15.28 -34.56
N ARG B 224 -18.22 14.49 -34.95
CA ARG B 224 -17.97 13.20 -35.61
CA ARG B 224 -17.97 13.21 -35.61
C ARG B 224 -17.12 13.41 -36.87
N GLU B 225 -17.53 14.34 -37.73
CA GLU B 225 -16.79 14.63 -38.97
C GLU B 225 -15.40 15.18 -38.65
N TRP B 226 -15.33 16.06 -37.65
CA TRP B 226 -14.09 16.75 -37.30
C TRP B 226 -13.06 15.81 -36.65
N THR B 227 -13.53 14.93 -35.76
CA THR B 227 -12.64 13.95 -35.10
C THR B 227 -12.08 12.94 -36.11
N PHE B 228 -12.92 12.51 -37.04
CA PHE B 228 -12.52 11.59 -38.07
C PHE B 228 -11.43 12.21 -38.97
N ASN B 229 -11.59 13.49 -39.33
CA ASN B 229 -10.58 14.18 -40.13
C ASN B 229 -9.28 14.40 -39.37
N MET B 230 -9.41 14.76 -38.11
CA MET B 230 -8.26 14.87 -37.22
C MET B 230 -7.45 13.57 -37.14
N LEU B 231 -8.14 12.44 -37.04
CA LEU B 231 -7.53 11.13 -36.94
C LEU B 231 -6.91 10.60 -38.25
N THR B 232 -7.51 10.92 -39.38
CA THR B 232 -7.17 10.24 -40.64
C THR B 232 -6.42 11.08 -41.68
N LYS B 233 -6.47 12.41 -41.55
CA LYS B 233 -5.82 13.29 -42.54
C LYS B 233 -4.54 13.94 -42.03
N ASN B 234 -4.18 13.65 -40.78
CA ASN B 234 -2.94 14.14 -40.18
C ASN B 234 -1.88 13.07 -40.27
N TYR B 235 -0.73 13.39 -40.85
CA TYR B 235 0.34 12.38 -41.03
C TYR B 235 1.63 12.69 -40.32
N THR B 236 1.70 13.90 -39.76
CA THR B 236 2.92 14.38 -39.14
C THR B 236 2.56 14.81 -37.74
N TRP B 237 3.49 14.59 -36.81
CA TRP B 237 3.33 15.02 -35.42
C TRP B 237 3.01 16.51 -35.28
N GLU B 238 3.66 17.34 -36.08
CA GLU B 238 3.53 18.79 -35.96
C GLU B 238 2.10 19.28 -36.16
N LEU B 239 1.45 18.79 -37.22
CA LEU B 239 0.09 19.17 -37.50
C LEU B 239 -0.93 18.44 -36.61
N PHE B 240 -0.57 17.27 -36.11
CA PHE B 240 -1.50 16.50 -35.27
C PHE B 240 -1.53 16.96 -33.82
N SER B 241 -0.36 17.24 -33.27
CA SER B 241 -0.15 17.38 -31.82
C SER B 241 -0.64 18.68 -31.19
N ASN B 242 -0.60 19.78 -31.95
CA ASN B 242 -0.84 21.07 -31.34
C ASN B 242 -1.49 22.09 -32.29
N HIS B 243 -2.13 23.10 -31.71
CA HIS B 243 -2.95 24.06 -32.45
C HIS B 243 -2.19 25.09 -33.30
N GLY B 244 -0.86 25.04 -33.24
CA GLY B 244 -0.01 25.90 -34.06
C GLY B 244 0.55 27.11 -33.31
N ALA B 245 1.59 27.72 -33.88
CA ALA B 245 2.25 28.89 -33.30
C ALA B 245 1.23 29.99 -32.97
N VAL B 246 0.38 30.31 -33.94
CA VAL B 246 -0.85 31.09 -33.71
C VAL B 246 -2.00 30.09 -33.54
N VAL B 247 -2.77 30.24 -32.46
CA VAL B 247 -3.92 29.37 -32.19
C VAL B 247 -4.87 29.44 -33.39
N GLY B 248 -4.95 28.34 -34.14
CA GLY B 248 -5.81 28.28 -35.33
C GLY B 248 -5.17 27.82 -36.65
N ALA B 249 -3.85 27.90 -36.75
CA ALA B 249 -3.16 27.55 -38.00
C ALA B 249 -3.17 26.03 -38.25
N HIS B 250 -3.20 25.25 -37.16
CA HIS B 250 -3.37 23.80 -37.26
C HIS B 250 -4.82 23.49 -36.82
N ALA B 251 -5.77 23.85 -37.68
CA ALA B 251 -7.20 23.73 -37.39
C ALA B 251 -7.69 22.28 -37.29
N ASN B 252 -6.86 21.36 -37.76
CA ASN B 252 -7.16 19.92 -37.80
C ASN B 252 -6.56 19.13 -36.62
N SER B 253 -5.80 19.80 -35.75
CA SER B 253 -5.03 19.11 -34.72
C SER B 253 -5.89 18.52 -33.60
N LEU B 254 -5.32 17.55 -32.89
CA LEU B 254 -5.96 17.00 -31.70
C LEU B 254 -6.23 18.13 -30.69
N GLU B 255 -5.30 19.08 -30.59
CA GLU B 255 -5.44 20.17 -29.63
C GLU B 255 -6.59 21.10 -29.97
N MET B 256 -6.70 21.47 -31.24
CA MET B 256 -7.77 22.36 -31.70
C MET B 256 -9.16 21.79 -31.43
N VAL B 257 -9.40 20.54 -31.83
CA VAL B 257 -10.68 19.87 -31.61
C VAL B 257 -10.97 19.83 -30.11
N HIS B 258 -9.94 19.49 -29.33
CA HIS B 258 -10.00 19.40 -27.86
C HIS B 258 -10.35 20.75 -27.20
N ASN B 259 -9.86 21.84 -27.79
CA ASN B 259 -10.18 23.18 -27.33
C ASN B 259 -11.67 23.44 -27.46
N THR B 260 -12.25 23.11 -28.60
CA THR B 260 -13.67 23.34 -28.82
C THR B 260 -14.56 22.53 -27.89
N VAL B 261 -14.09 21.35 -27.49
CA VAL B 261 -14.83 20.49 -26.55
C VAL B 261 -14.85 21.13 -25.14
N HIS B 262 -13.70 21.62 -24.68
CA HIS B 262 -13.65 22.51 -23.49
C HIS B 262 -14.74 23.59 -23.48
N PHE B 263 -14.89 24.32 -24.58
CA PHE B 263 -15.88 25.37 -24.66
C PHE B 263 -17.33 24.81 -24.58
N LEU B 264 -17.55 23.63 -25.17
CA LEU B 264 -18.87 23.00 -25.12
C LEU B 264 -19.40 22.86 -23.71
N ILE B 265 -18.53 22.47 -22.78
CA ILE B 265 -18.87 22.39 -21.37
C ILE B 265 -18.81 23.77 -20.67
N GLY B 266 -17.79 24.56 -20.95
CA GLY B 266 -17.56 25.76 -20.16
C GLY B 266 -17.81 27.15 -20.73
N ARG B 267 -18.34 27.25 -21.96
CA ARG B 267 -18.55 28.58 -22.54
C ARG B 267 -19.63 28.66 -23.61
N ASP B 268 -20.66 29.46 -23.35
CA ASP B 268 -21.74 29.69 -24.33
C ASP B 268 -21.22 30.66 -25.39
N PRO B 269 -21.11 30.19 -26.66
CA PRO B 269 -20.51 30.99 -27.73
C PRO B 269 -21.33 32.21 -28.13
N THR B 270 -22.62 32.22 -27.80
CA THR B 270 -23.58 33.24 -28.25
C THR B 270 -23.72 34.43 -27.31
N LEU B 271 -23.06 34.38 -26.15
CA LEU B 271 -23.18 35.45 -25.15
C LEU B 271 -22.23 36.61 -25.46
N ASP B 272 -22.72 37.82 -25.27
CA ASP B 272 -21.93 39.02 -25.50
C ASP B 272 -21.95 39.87 -24.23
N PRO B 273 -20.87 39.83 -23.44
CA PRO B 273 -19.57 39.20 -23.74
C PRO B 273 -19.48 37.74 -23.29
N LEU B 274 -18.38 37.08 -23.62
CA LEU B 274 -18.16 35.69 -23.19
C LEU B 274 -17.96 35.56 -21.68
N VAL B 275 -18.70 34.64 -21.05
CA VAL B 275 -18.57 34.31 -19.63
C VAL B 275 -18.15 32.84 -19.51
N PRO B 276 -16.83 32.57 -19.58
CA PRO B 276 -16.37 31.20 -19.38
C PRO B 276 -16.54 30.71 -17.93
N GLY B 277 -16.94 29.45 -17.79
CA GLY B 277 -16.83 28.73 -16.52
C GLY B 277 -15.47 28.06 -16.51
N HIS B 278 -15.22 27.27 -15.46
CA HIS B 278 -13.90 26.66 -15.22
C HIS B 278 -13.32 25.92 -16.45
N MET B 279 -14.12 25.03 -17.05
CA MET B 279 -13.72 24.29 -18.24
C MET B 279 -13.42 25.17 -19.46
N GLY B 280 -14.03 26.35 -19.52
CA GLY B 280 -13.80 27.26 -20.63
C GLY B 280 -12.58 28.13 -20.39
N SER B 281 -11.77 27.77 -19.38
CA SER B 281 -10.62 28.56 -18.97
C SER B 281 -9.41 27.69 -18.58
N VAL B 282 -8.34 27.77 -19.37
CA VAL B 282 -7.16 26.95 -19.15
C VAL B 282 -6.64 26.91 -17.70
N PRO B 283 -6.41 28.09 -17.06
CA PRO B 283 -5.91 28.06 -15.69
C PRO B 283 -6.88 27.53 -14.63
N HIS B 284 -8.15 27.34 -14.98
CA HIS B 284 -9.17 26.88 -14.03
C HIS B 284 -9.82 25.55 -14.38
N ALA B 285 -9.54 25.05 -15.59
CA ALA B 285 -10.34 23.95 -16.13
C ALA B 285 -10.27 22.60 -15.41
N ALA B 286 -9.11 22.27 -14.84
CA ALA B 286 -8.89 20.93 -14.26
C ALA B 286 -9.52 20.72 -12.88
N PHE B 287 -10.18 21.74 -12.35
CA PHE B 287 -10.95 21.62 -11.11
C PHE B 287 -12.33 21.04 -11.35
N ASP B 288 -12.77 21.02 -12.60
CA ASP B 288 -14.04 20.38 -12.94
C ASP B 288 -13.79 18.89 -13.14
N PRO B 289 -14.52 18.03 -12.40
CA PRO B 289 -14.27 16.58 -12.50
C PRO B 289 -14.41 15.99 -13.91
N ILE B 290 -15.19 16.66 -14.77
CA ILE B 290 -15.38 16.23 -16.17
C ILE B 290 -14.07 16.33 -16.97
N PHE B 291 -13.18 17.23 -16.54
CA PHE B 291 -11.87 17.41 -17.18
C PHE B 291 -11.21 16.08 -17.47
N TRP B 292 -11.38 15.13 -16.54
CA TRP B 292 -10.67 13.84 -16.62
C TRP B 292 -11.28 12.87 -17.62
N MET B 293 -12.60 12.95 -17.82
CA MET B 293 -13.27 12.15 -18.86
C MET B 293 -12.92 12.69 -20.24
N HIS B 294 -12.81 14.01 -20.36
CA HIS B 294 -12.42 14.66 -21.61
C HIS B 294 -10.98 14.28 -22.00
N HIS B 295 -10.05 14.41 -21.06
CA HIS B 295 -8.65 14.09 -21.32
C HIS B 295 -8.33 12.62 -21.38
N CYS B 296 -9.25 11.80 -20.89
CA CYS B 296 -9.13 10.38 -21.12
C CYS B 296 -9.47 10.07 -22.58
N ASN B 297 -10.45 10.77 -23.15
CA ASN B 297 -10.68 10.65 -24.60
C ASN B 297 -9.55 11.22 -25.45
N VAL B 298 -8.90 12.28 -24.98
CA VAL B 298 -7.80 12.90 -25.71
C VAL B 298 -6.66 11.88 -25.83
N ASP B 299 -6.47 11.09 -24.77
CA ASP B 299 -5.41 10.09 -24.69
C ASP B 299 -5.74 8.85 -25.51
N ARG B 300 -7.02 8.48 -25.49
CA ARG B 300 -7.54 7.43 -26.36
C ARG B 300 -7.29 7.76 -27.84
N LEU B 301 -7.53 9.00 -28.22
CA LEU B 301 -7.38 9.42 -29.62
C LEU B 301 -5.92 9.52 -30.05
N LEU B 302 -5.06 9.88 -29.10
CA LEU B 302 -3.62 9.82 -29.32
C LEU B 302 -3.20 8.36 -29.55
N ALA B 303 -3.66 7.45 -28.68
CA ALA B 303 -3.33 6.04 -28.82
C ALA B 303 -3.77 5.46 -30.17
N LEU B 304 -4.95 5.87 -30.64
CA LEU B 304 -5.44 5.42 -31.94
C LEU B 304 -4.59 6.02 -33.08
N TRP B 305 -4.27 7.31 -32.98
CA TRP B 305 -3.38 7.94 -33.97
C TRP B 305 -2.00 7.29 -34.00
N GLN B 306 -1.37 7.09 -32.84
CA GLN B 306 -0.14 6.29 -32.69
C GLN B 306 -0.18 4.94 -33.40
N THR B 307 -1.24 4.18 -33.17
CA THR B 307 -1.36 2.85 -33.76
C THR B 307 -1.41 2.89 -35.29
N MET B 308 -2.05 3.92 -35.84
CA MET B 308 -2.21 4.05 -37.28
C MET B 308 -0.96 4.62 -37.89
N ASN B 309 -0.37 5.57 -37.19
CA ASN B 309 0.82 6.25 -37.65
C ASN B 309 2.00 5.82 -36.78
N TYR B 310 2.26 4.51 -36.77
CA TYR B 310 3.26 3.96 -35.87
C TYR B 310 4.66 4.48 -36.11
N ASP B 311 5.40 4.65 -35.00
CA ASP B 311 6.77 5.20 -35.01
C ASP B 311 6.83 6.62 -35.59
N VAL B 312 5.68 7.29 -35.60
CA VAL B 312 5.62 8.73 -35.82
C VAL B 312 5.27 9.36 -34.46
N TYR B 313 6.29 9.93 -33.81
CA TYR B 313 6.15 10.52 -32.49
C TYR B 313 6.73 11.96 -32.46
N VAL B 314 6.94 12.47 -31.24
CA VAL B 314 7.29 13.87 -30.99
C VAL B 314 8.39 14.36 -31.91
N SER B 315 8.09 15.39 -32.69
CA SER B 315 9.10 16.11 -33.47
C SER B 315 9.58 17.36 -32.71
N GLU B 316 10.71 17.91 -33.12
CA GLU B 316 11.26 19.11 -32.48
C GLU B 316 10.36 20.31 -32.74
N GLY B 317 10.09 21.09 -31.69
CA GLY B 317 9.36 22.34 -31.81
C GLY B 317 9.84 23.39 -30.82
N MET B 318 9.44 24.64 -31.02
CA MET B 318 9.82 25.71 -30.11
C MET B 318 8.85 25.76 -28.93
N ASN B 319 9.39 26.05 -27.75
CA ASN B 319 8.58 26.55 -26.64
C ASN B 319 8.48 28.08 -26.72
N ARG B 320 7.30 28.58 -27.01
CA ARG B 320 7.13 30.01 -27.19
C ARG B 320 6.79 30.75 -25.89
N GLU B 321 6.05 30.12 -24.99
CA GLU B 321 5.83 30.71 -23.69
C GLU B 321 6.39 29.87 -22.53
N ALA B 322 6.94 30.58 -21.56
CA ALA B 322 7.42 30.00 -20.33
C ALA B 322 6.26 29.37 -19.57
N THR B 323 6.41 28.09 -19.24
CA THR B 323 5.55 27.47 -18.25
C THR B 323 6.40 27.22 -17.00
N MET B 324 5.87 26.51 -16.01
CA MET B 324 6.57 26.36 -14.73
C MET B 324 7.73 25.33 -14.81
N GLY B 325 7.72 24.46 -15.81
CA GLY B 325 8.85 23.53 -16.00
C GLY B 325 9.70 23.69 -17.26
N LEU B 326 9.29 24.57 -18.17
CA LEU B 326 9.97 24.74 -19.45
C LEU B 326 10.42 26.18 -19.72
N ILE B 327 11.68 26.32 -20.15
CA ILE B 327 12.32 27.61 -20.46
C ILE B 327 11.74 28.27 -21.73
N PRO B 328 11.44 29.57 -21.67
CA PRO B 328 11.03 30.32 -22.88
C PRO B 328 12.16 30.33 -23.91
N GLY B 329 11.83 30.08 -25.18
CA GLY B 329 12.82 30.02 -26.22
C GLY B 329 13.56 28.70 -26.41
N GLN B 330 13.35 27.71 -25.55
CA GLN B 330 14.02 26.40 -25.68
C GLN B 330 13.33 25.55 -26.76
N VAL B 331 14.05 24.54 -27.25
CA VAL B 331 13.50 23.52 -28.15
C VAL B 331 12.97 22.36 -27.31
N LEU B 332 11.80 21.87 -27.67
CA LEU B 332 11.18 20.74 -27.05
C LEU B 332 11.36 19.54 -27.96
N THR B 333 11.65 18.39 -27.36
CA THR B 333 11.84 17.12 -28.08
C THR B 333 11.26 15.96 -27.28
N GLU B 334 11.36 14.77 -27.87
CA GLU B 334 11.11 13.46 -27.24
C GLU B 334 11.68 13.36 -25.81
N ASP B 335 12.80 14.03 -25.57
CA ASP B 335 13.55 13.86 -24.34
C ASP B 335 13.37 15.00 -23.30
N SER B 336 12.59 16.02 -23.64
CA SER B 336 12.29 17.11 -22.69
C SER B 336 11.51 16.62 -21.44
N PRO B 337 11.85 17.15 -20.25
CA PRO B 337 11.16 16.78 -18.99
C PRO B 337 9.70 17.19 -19.00
N LEU B 338 8.86 16.43 -18.31
CA LEU B 338 7.43 16.70 -18.21
C LEU B 338 7.12 17.04 -16.76
N GLU B 339 7.53 18.25 -16.36
CA GLU B 339 7.33 18.71 -15.00
C GLU B 339 5.85 18.85 -14.74
N PRO B 340 5.39 18.49 -13.54
CA PRO B 340 6.18 18.03 -12.39
C PRO B 340 6.17 16.51 -12.20
N PHE B 341 6.10 15.74 -13.28
CA PHE B 341 6.01 14.28 -13.17
C PHE B 341 7.38 13.60 -13.21
N TYR B 342 7.65 12.82 -12.16
CA TYR B 342 8.92 12.14 -11.89
C TYR B 342 8.73 10.63 -11.75
N THR B 343 9.74 9.85 -12.14
CA THR B 343 9.66 8.40 -12.09
C THR B 343 9.95 7.92 -10.68
N LYS B 344 9.71 6.64 -10.41
CA LYS B 344 10.11 6.07 -9.13
C LYS B 344 11.64 6.12 -8.92
N ASN B 345 12.38 6.41 -9.99
CA ASN B 345 13.84 6.58 -9.90
C ASN B 345 14.25 8.04 -9.70
N GLN B 346 13.28 8.93 -9.53
CA GLN B 346 13.50 10.36 -9.31
C GLN B 346 14.12 11.05 -10.53
N ASP B 347 13.78 10.56 -11.71
CA ASP B 347 14.00 11.23 -12.97
C ASP B 347 12.71 11.87 -13.46
N PRO B 348 12.81 13.05 -14.13
CA PRO B 348 11.61 13.57 -14.78
C PRO B 348 11.12 12.61 -15.87
N TRP B 349 9.80 12.48 -15.98
CA TRP B 349 9.21 11.75 -17.09
C TRP B 349 9.49 12.49 -18.40
N GLN B 350 9.78 11.71 -19.44
CA GLN B 350 10.02 12.20 -20.79
C GLN B 350 8.91 11.68 -21.68
N SER B 351 8.69 12.32 -22.81
CA SER B 351 7.71 11.81 -23.78
C SER B 351 8.07 10.41 -24.27
N ASP B 352 9.37 10.17 -24.53
CA ASP B 352 9.80 8.86 -25.02
C ASP B 352 9.58 7.71 -24.03
N ASP B 353 9.34 8.00 -22.76
CA ASP B 353 9.02 6.95 -21.77
C ASP B 353 7.56 6.53 -21.80
N LEU B 354 6.69 7.34 -22.38
CA LEU B 354 5.26 7.01 -22.34
C LEU B 354 4.61 6.84 -23.70
N GLU B 355 5.45 6.68 -24.72
CA GLU B 355 5.00 6.30 -26.06
C GLU B 355 4.08 5.08 -26.00
N ASP B 356 4.47 4.08 -25.24
CA ASP B 356 3.63 2.93 -25.00
C ASP B 356 2.86 3.10 -23.69
N TRP B 357 1.57 3.39 -23.83
CA TRP B 357 0.70 3.78 -22.73
C TRP B 357 0.44 2.63 -21.73
N GLU B 358 0.60 1.38 -22.18
CA GLU B 358 0.41 0.24 -21.29
C GLU B 358 1.46 0.23 -20.19
N THR B 359 2.51 1.02 -20.39
CA THR B 359 3.57 1.10 -19.41
C THR B 359 3.03 1.80 -18.14
N LEU B 360 1.94 2.55 -18.30
CA LEU B 360 1.27 3.16 -17.15
C LEU B 360 0.14 2.29 -16.55
N GLY B 361 -0.14 1.14 -17.16
CA GLY B 361 -1.05 0.16 -16.57
C GLY B 361 -2.50 0.17 -17.07
N PHE B 362 -2.72 0.71 -18.26
CA PHE B 362 -4.08 0.82 -18.80
C PHE B 362 -4.08 0.62 -20.29
N SER B 363 -5.28 0.39 -20.83
CA SER B 363 -5.47 0.32 -22.26
C SER B 363 -6.88 0.81 -22.61
N TYR B 364 -7.31 0.57 -23.84
CA TYR B 364 -8.63 0.98 -24.28
C TYR B 364 -9.34 -0.20 -24.94
N PRO B 365 -10.69 -0.27 -24.83
CA PRO B 365 -11.42 -1.40 -25.37
C PRO B 365 -11.17 -1.57 -26.86
N ASP B 366 -10.93 -0.47 -27.55
CA ASP B 366 -10.61 -0.46 -28.97
C ASP B 366 -9.48 -1.44 -29.32
N PHE B 367 -8.53 -1.61 -28.40
CA PHE B 367 -7.32 -2.36 -28.69
C PHE B 367 -7.41 -3.84 -28.31
N ASP B 368 -8.47 -4.22 -27.59
CA ASP B 368 -8.70 -5.63 -27.23
C ASP B 368 -8.43 -6.63 -28.37
N PRO B 369 -9.06 -6.44 -29.54
CA PRO B 369 -8.93 -7.46 -30.58
C PRO B 369 -7.55 -7.53 -31.26
N VAL B 370 -6.64 -6.62 -30.92
CA VAL B 370 -5.34 -6.61 -31.59
C VAL B 370 -4.13 -6.87 -30.68
N LYS B 371 -4.39 -7.36 -29.47
CA LYS B 371 -3.30 -7.70 -28.55
C LYS B 371 -2.29 -8.68 -29.17
N GLY B 372 -1.02 -8.26 -29.25
CA GLY B 372 0.06 -9.09 -29.80
C GLY B 372 0.25 -9.08 -31.31
N LYS B 373 -0.56 -8.32 -32.03
CA LYS B 373 -0.40 -8.20 -33.49
C LYS B 373 0.74 -7.27 -33.87
N SER B 374 1.23 -7.41 -35.10
CA SER B 374 2.32 -6.57 -35.59
C SER B 374 1.82 -5.13 -35.75
N LYS B 375 2.75 -4.18 -35.74
CA LYS B 375 2.41 -2.77 -35.93
C LYS B 375 1.59 -2.58 -37.20
N GLU B 376 1.94 -3.28 -38.27
CA GLU B 376 1.22 -3.13 -39.53
C GLU B 376 -0.18 -3.76 -39.44
N GLU B 377 -0.30 -4.91 -38.77
CA GLU B 377 -1.61 -5.52 -38.55
C GLU B 377 -2.56 -4.64 -37.71
N LYS B 378 -2.02 -3.97 -36.69
CA LYS B 378 -2.83 -3.08 -35.84
C LYS B 378 -3.23 -1.82 -36.59
N SER B 379 -2.31 -1.30 -37.39
CA SER B 379 -2.57 -0.12 -38.18
C SER B 379 -3.75 -0.32 -39.12
N VAL B 380 -3.72 -1.42 -39.87
CA VAL B 380 -4.76 -1.73 -40.85
C VAL B 380 -6.07 -1.96 -40.12
N TYR B 381 -5.99 -2.66 -38.99
CA TYR B 381 -7.20 -3.01 -38.23
C TYR B 381 -7.88 -1.79 -37.65
N ILE B 382 -7.12 -0.98 -36.91
CA ILE B 382 -7.65 0.21 -36.25
C ILE B 382 -8.11 1.28 -37.24
N ASN B 383 -7.47 1.36 -38.40
CA ASN B 383 -7.95 2.23 -39.46
C ASN B 383 -9.34 1.84 -39.98
N ASP B 384 -9.60 0.54 -40.05
CA ASP B 384 -10.91 0.02 -40.41
C ASP B 384 -11.92 0.27 -39.31
N TRP B 385 -11.49 0.04 -38.06
CA TRP B 385 -12.36 0.24 -36.90
C TRP B 385 -12.79 1.70 -36.77
N VAL B 386 -11.86 2.59 -37.08
CA VAL B 386 -12.13 4.03 -37.11
C VAL B 386 -13.17 4.38 -38.18
N HIS B 387 -13.00 3.85 -39.40
CA HIS B 387 -13.94 4.10 -40.51
C HIS B 387 -15.36 3.64 -40.18
N LYS B 388 -15.49 2.44 -39.61
CA LYS B 388 -16.80 1.91 -39.18
C LYS B 388 -17.43 2.65 -37.99
N HIS B 389 -16.62 3.41 -37.24
CA HIS B 389 -17.07 4.08 -36.00
C HIS B 389 -17.16 5.62 -36.07
N TYR B 390 -16.46 6.25 -37.00
CA TYR B 390 -16.46 7.72 -37.11
C TYR B 390 -16.61 8.24 -38.56
N GLY B 391 -16.39 7.36 -39.54
CA GLY B 391 -16.21 7.75 -40.95
C GLY B 391 -17.46 8.10 -41.71
N LEU C 9 -1.48 -44.63 23.12
CA LEU C 9 -1.57 -43.28 23.74
C LEU C 9 -2.87 -42.56 23.30
N ASP C 10 -4.02 -43.16 23.63
CA ASP C 10 -5.32 -42.74 23.08
C ASP C 10 -6.05 -41.66 23.89
N LEU C 11 -6.81 -40.82 23.19
CA LEU C 11 -7.41 -39.62 23.77
C LEU C 11 -8.55 -39.93 24.75
N PRO C 12 -8.56 -39.22 25.89
CA PRO C 12 -9.54 -39.44 26.94
C PRO C 12 -10.94 -38.98 26.54
N GLY C 13 -11.01 -38.03 25.62
CA GLY C 13 -12.27 -37.39 25.29
C GLY C 13 -12.68 -36.46 26.42
N THR C 14 -13.93 -36.02 26.40
CA THR C 14 -14.45 -35.12 27.44
C THR C 14 -15.80 -35.54 28.00
N ARG C 15 -16.04 -35.20 29.25
CA ARG C 15 -17.36 -35.24 29.84
C ARG C 15 -18.15 -33.99 29.49
N ILE C 16 -19.44 -34.18 29.25
CA ILE C 16 -20.38 -33.09 29.05
C ILE C 16 -21.30 -33.02 30.28
N LEU C 17 -21.22 -31.89 30.98
CA LEU C 17 -21.86 -31.78 32.30
C LEU C 17 -22.92 -30.70 32.33
N ASN C 18 -23.94 -30.95 33.13
CA ASN C 18 -24.95 -29.98 33.49
C ASN C 18 -25.13 -30.09 35.00
N GLY C 19 -24.70 -29.04 35.70
CA GLY C 19 -24.48 -29.10 37.14
C GLY C 19 -23.49 -30.21 37.46
N ALA C 20 -23.90 -31.10 38.35
CA ALA C 20 -23.07 -32.22 38.77
C ALA C 20 -23.27 -33.43 37.87
N ASN C 21 -24.28 -33.39 36.99
CA ASN C 21 -24.61 -34.52 36.11
C ASN C 21 -23.79 -34.56 34.84
N TRP C 22 -23.60 -35.74 34.29
CA TRP C 22 -22.93 -35.84 33.00
C TRP C 22 -23.73 -36.62 31.96
N ALA C 23 -23.53 -36.25 30.70
CA ALA C 23 -24.09 -36.91 29.52
C ALA C 23 -23.59 -38.35 29.30
N ASN C 24 -24.54 -39.27 29.22
CA ASN C 24 -24.28 -40.65 28.83
C ASN C 24 -25.06 -41.08 27.56
N ASN C 25 -24.54 -42.09 26.86
CA ASN C 25 -25.27 -42.68 25.75
C ASN C 25 -24.94 -44.16 25.57
N SER C 26 -25.97 -44.96 25.29
CA SER C 26 -25.85 -46.41 25.00
C SER C 26 -26.28 -46.76 23.56
N ALA C 27 -25.80 -47.91 23.08
CA ALA C 27 -26.02 -48.35 21.69
C ALA C 27 -27.46 -48.79 21.37
N THR C 28 -27.83 -48.59 20.09
CA THR C 28 -29.10 -48.98 19.42
C THR C 28 -29.86 -47.74 18.91
N SER C 35 -35.26 -45.17 15.97
CA SER C 35 -33.91 -44.99 15.44
C SER C 35 -33.18 -43.82 16.13
N GLY C 36 -32.31 -44.17 17.08
CA GLY C 36 -31.56 -43.20 17.89
C GLY C 36 -31.82 -43.43 19.37
N THR C 37 -30.78 -43.35 20.19
CA THR C 37 -30.93 -43.59 21.62
C THR C 37 -30.78 -42.31 22.40
N LEU C 38 -31.36 -42.29 23.59
CA LEU C 38 -31.42 -41.09 24.42
C LEU C 38 -30.05 -40.75 25.01
N ILE C 39 -29.77 -39.45 25.08
CA ILE C 39 -28.59 -38.96 25.79
C ILE C 39 -29.04 -38.57 27.19
N ILE C 40 -28.70 -39.42 28.15
CA ILE C 40 -29.16 -39.33 29.54
C ILE C 40 -28.14 -38.58 30.41
N PHE C 41 -28.61 -37.50 31.05
CA PHE C 41 -27.81 -36.74 32.01
C PHE C 41 -28.13 -37.19 33.42
N ASP C 42 -27.15 -37.83 34.06
CA ASP C 42 -27.27 -38.28 35.44
C ASP C 42 -25.87 -38.54 35.98
N GLN C 43 -25.79 -39.33 37.04
CA GLN C 43 -24.53 -39.61 37.70
C GLN C 43 -24.21 -41.10 37.81
N SER C 44 -24.70 -41.87 36.83
CA SER C 44 -24.42 -43.30 36.72
C SER C 44 -24.06 -43.70 35.28
N THR C 45 -22.79 -44.08 35.09
CA THR C 45 -22.27 -44.42 33.77
C THR C 45 -22.67 -45.85 33.45
N PRO C 46 -23.40 -46.05 32.33
CA PRO C 46 -23.95 -47.38 32.01
C PRO C 46 -22.94 -48.38 31.44
N GLY C 47 -21.93 -47.89 30.72
CA GLY C 47 -20.90 -48.76 30.16
C GLY C 47 -19.62 -47.98 29.93
N GLN C 48 -18.53 -48.71 29.69
CA GLN C 48 -17.21 -48.17 29.45
C GLN C 48 -17.25 -47.01 28.44
N ASP C 49 -16.72 -45.86 28.83
CA ASP C 49 -16.63 -44.67 27.99
C ASP C 49 -17.96 -44.12 27.48
N ALA C 50 -19.08 -44.56 28.06
CA ALA C 50 -20.38 -44.06 27.66
C ALA C 50 -20.55 -42.61 28.14
N ASP C 51 -19.59 -42.16 28.93
CA ASP C 51 -19.61 -40.82 29.49
C ASP C 51 -18.56 -39.93 28.82
N ARG C 52 -17.81 -40.50 27.86
CA ARG C 52 -16.71 -39.77 27.19
C ARG C 52 -17.06 -39.38 25.76
N TRP C 53 -16.75 -38.15 25.37
CA TRP C 53 -17.15 -37.63 24.08
C TRP C 53 -15.98 -37.03 23.30
N LEU C 54 -15.91 -37.29 21.99
CA LEU C 54 -14.91 -36.64 21.14
C LEU C 54 -15.58 -35.47 20.41
N ILE C 55 -15.16 -34.26 20.73
CA ILE C 55 -15.72 -33.07 20.08
C ILE C 55 -14.71 -32.49 19.11
N HIS C 56 -15.05 -32.53 17.81
CA HIS C 56 -14.14 -32.06 16.74
C HIS C 56 -14.66 -30.84 15.99
N ASN C 57 -13.76 -29.99 15.51
CA ASN C 57 -14.14 -28.98 14.53
C ASN C 57 -14.72 -29.68 13.28
N TYR C 58 -15.80 -29.13 12.75
CA TYR C 58 -16.42 -29.71 11.58
C TYR C 58 -17.12 -28.62 10.79
N LEU C 59 -16.64 -28.38 9.58
CA LEU C 59 -17.06 -27.23 8.80
C LEU C 59 -17.01 -26.01 9.71
N ASP C 60 -18.08 -25.21 9.72
CA ASP C 60 -18.11 -24.01 10.54
C ASP C 60 -18.51 -24.26 11.99
N GLY C 61 -18.71 -25.54 12.36
CA GLY C 61 -19.14 -25.91 13.70
C GLY C 61 -18.38 -27.08 14.32
N TYR C 62 -19.12 -27.95 15.00
CA TYR C 62 -18.50 -29.06 15.73
C TYR C 62 -19.30 -30.33 15.55
N LYS C 63 -18.63 -31.47 15.71
CA LYS C 63 -19.30 -32.76 15.74
C LYS C 63 -19.02 -33.47 17.07
N ILE C 64 -19.99 -34.27 17.53
CA ILE C 64 -19.98 -34.73 18.92
C ILE C 64 -20.27 -36.22 18.94
N PHE C 65 -19.22 -36.99 19.23
CA PHE C 65 -19.17 -38.44 19.11
C PHE C 65 -19.04 -39.09 20.49
N ASN C 66 -19.82 -40.12 20.79
CA ASN C 66 -19.69 -40.84 22.07
C ASN C 66 -18.78 -42.05 21.94
N MET C 67 -17.70 -42.08 22.72
CA MET C 67 -16.68 -43.12 22.61
C MET C 67 -17.17 -44.49 23.09
N GLY C 68 -18.16 -44.52 23.95
CA GLY C 68 -18.69 -45.78 24.45
C GLY C 68 -19.64 -46.43 23.47
N SER C 69 -20.56 -45.64 22.94
CA SER C 69 -21.64 -46.15 22.11
C SER C 69 -21.35 -46.03 20.64
N ASN C 70 -20.38 -45.19 20.28
CA ASN C 70 -20.08 -44.91 18.87
C ASN C 70 -21.21 -44.13 18.14
N ASN C 71 -22.04 -43.45 18.89
CA ASN C 71 -23.12 -42.66 18.30
C ASN C 71 -22.73 -41.20 18.24
N TRP C 72 -23.25 -40.53 17.21
CA TRP C 72 -23.15 -39.09 17.09
C TRP C 72 -24.40 -38.48 17.70
N ALA C 73 -24.24 -37.37 18.40
CA ALA C 73 -25.36 -36.54 18.84
C ALA C 73 -25.96 -35.80 17.64
N SER C 74 -27.26 -36.00 17.42
CA SER C 74 -27.95 -35.43 16.27
C SER C 74 -29.32 -34.82 16.59
N VAL C 75 -29.71 -33.84 15.78
CA VAL C 75 -31.06 -33.30 15.79
C VAL C 75 -31.98 -34.40 15.30
N SER C 76 -33.01 -34.69 16.09
CA SER C 76 -33.84 -35.85 15.82
C SER C 76 -35.29 -35.47 15.58
N ARG C 77 -36.13 -36.49 15.46
CA ARG C 77 -37.55 -36.32 15.17
C ARG C 77 -38.23 -35.65 16.36
N GLY C 78 -38.78 -34.47 16.11
CA GLY C 78 -39.55 -33.75 17.11
C GLY C 78 -38.75 -33.21 18.29
N ASN C 79 -37.80 -32.31 18.00
CA ASN C 79 -37.17 -31.44 19.01
C ASN C 79 -36.35 -32.13 20.11
N THR C 80 -35.81 -33.31 19.80
CA THR C 80 -34.97 -34.05 20.73
C THR C 80 -33.54 -34.29 20.19
N VAL C 81 -32.60 -34.61 21.07
CA VAL C 81 -31.23 -34.88 20.67
C VAL C 81 -30.90 -36.34 20.98
N LEU C 82 -30.62 -37.11 19.93
CA LEU C 82 -30.37 -38.54 20.06
C LEU C 82 -29.01 -38.94 19.50
N GLY C 83 -28.50 -40.06 20.00
CA GLY C 83 -27.32 -40.70 19.44
C GLY C 83 -27.68 -41.64 18.29
N VAL C 84 -27.14 -41.35 17.10
CA VAL C 84 -27.35 -42.20 15.91
C VAL C 84 -26.01 -42.76 15.42
N SER C 85 -26.04 -43.98 14.90
CA SER C 85 -24.82 -44.68 14.53
C SER C 85 -24.14 -44.20 13.26
N GLU C 86 -24.87 -43.57 12.35
CA GLU C 86 -24.28 -43.10 11.11
C GLU C 86 -24.27 -41.58 11.09
N PHE C 87 -23.15 -41.00 10.69
CA PHE C 87 -22.99 -39.54 10.66
C PHE C 87 -23.78 -38.94 9.51
N ASP C 88 -24.45 -37.83 9.82
CA ASP C 88 -25.23 -37.05 8.85
C ASP C 88 -24.90 -35.58 9.04
N GLY C 89 -24.13 -35.00 8.10
CA GLY C 89 -23.73 -33.59 8.16
C GLY C 89 -24.87 -32.59 8.38
N GLN C 90 -26.09 -33.00 8.08
CA GLN C 90 -27.24 -32.10 8.19
C GLN C 90 -27.96 -32.14 9.54
N THR C 91 -27.59 -33.08 10.40
CA THR C 91 -28.21 -33.21 11.74
C THR C 91 -27.19 -33.37 12.87
N CYS C 92 -25.92 -33.57 12.49
CA CYS C 92 -24.85 -33.83 13.44
C CYS C 92 -23.83 -32.70 13.61
N LYS C 93 -24.06 -31.56 12.95
CA LYS C 93 -23.22 -30.36 13.13
C LYS C 93 -23.82 -29.44 14.19
N TRP C 94 -22.99 -28.98 15.12
CA TRP C 94 -23.43 -28.16 16.24
C TRP C 94 -22.70 -26.83 16.33
N SER C 95 -23.40 -25.82 16.83
CA SER C 95 -22.77 -24.57 17.25
C SER C 95 -22.54 -24.60 18.75
N ILE C 96 -21.32 -24.27 19.17
CA ILE C 96 -21.01 -24.17 20.59
C ILE C 96 -20.61 -22.72 20.94
N GLU C 97 -21.45 -22.07 21.74
CA GLU C 97 -21.28 -20.64 22.06
C GLU C 97 -21.16 -20.41 23.57
N TYR C 98 -20.22 -19.55 23.95
CA TYR C 98 -20.02 -19.15 25.34
C TYR C 98 -21.24 -18.42 25.87
N SER C 99 -21.70 -18.82 27.06
CA SER C 99 -22.91 -18.28 27.67
C SER C 99 -22.74 -16.90 28.30
N GLY C 100 -21.54 -16.60 28.78
CA GLY C 100 -21.29 -15.30 29.39
C GLY C 100 -20.85 -15.37 30.84
N ASN C 101 -21.14 -16.48 31.50
CA ASN C 101 -20.58 -16.70 32.83
C ASN C 101 -19.92 -18.06 33.04
N GLY C 102 -18.94 -18.08 33.94
CA GLY C 102 -18.20 -19.27 34.31
C GLY C 102 -17.54 -19.94 33.12
N GLU C 103 -17.65 -21.26 33.05
CA GLU C 103 -17.13 -22.02 31.93
C GLU C 103 -18.26 -22.81 31.25
N GLU C 104 -19.44 -22.18 31.17
CA GLU C 104 -20.65 -22.80 30.64
C GLU C 104 -20.97 -22.29 29.23
N PHE C 105 -21.33 -23.20 28.34
CA PHE C 105 -21.60 -22.87 26.93
C PHE C 105 -23.00 -23.30 26.54
N TRP C 106 -23.45 -22.87 25.36
CA TRP C 106 -24.66 -23.41 24.76
C TRP C 106 -24.32 -24.29 23.55
N ILE C 107 -24.91 -25.48 23.48
CA ILE C 107 -24.84 -26.30 22.27
C ILE C 107 -26.12 -26.05 21.48
N ARG C 108 -25.95 -25.56 20.25
CA ARG C 108 -27.00 -24.90 19.50
C ARG C 108 -27.14 -25.48 18.10
N VAL C 109 -28.38 -25.56 17.60
CA VAL C 109 -28.62 -26.01 16.23
C VAL C 109 -28.12 -24.91 15.28
N PRO C 110 -27.26 -25.27 14.31
CA PRO C 110 -26.74 -24.30 13.34
C PRO C 110 -27.83 -23.79 12.42
N ARG C 111 -27.98 -22.47 12.39
CA ARG C 111 -29.03 -21.80 11.63
C ARG C 111 -28.44 -20.48 11.13
N GLU C 112 -28.64 -20.18 9.84
CA GLU C 112 -28.05 -18.99 9.23
C GLU C 112 -28.54 -17.71 9.91
N GLY C 113 -27.62 -16.78 10.14
CA GLY C 113 -27.89 -15.57 10.92
C GLY C 113 -28.34 -15.86 12.35
N GLY C 114 -27.85 -16.96 12.90
CA GLY C 114 -28.14 -17.40 14.28
C GLY C 114 -29.60 -17.69 14.58
N GLY C 115 -29.89 -18.02 15.85
CA GLY C 115 -31.26 -18.12 16.34
C GLY C 115 -31.75 -19.53 16.64
N GLY C 116 -30.89 -20.52 16.47
CA GLY C 116 -31.30 -21.91 16.58
C GLY C 116 -31.63 -22.37 18.00
N ALA C 117 -32.38 -23.47 18.10
CA ALA C 117 -32.69 -24.13 19.37
C ALA C 117 -31.42 -24.64 20.06
N VAL C 118 -31.48 -24.81 21.37
CA VAL C 118 -30.32 -25.23 22.13
C VAL C 118 -30.59 -26.45 23.02
N TRP C 119 -29.53 -27.23 23.28
CA TRP C 119 -29.59 -28.35 24.20
C TRP C 119 -30.21 -27.87 25.49
N THR C 120 -31.22 -28.58 25.93
CA THR C 120 -31.98 -28.23 27.12
C THR C 120 -32.25 -29.52 27.88
N ILE C 121 -31.63 -29.64 29.05
CA ILE C 121 -31.65 -30.87 29.83
C ILE C 121 -32.79 -30.83 30.83
N LYS C 122 -33.73 -31.74 30.64
CA LYS C 122 -34.94 -31.80 31.48
C LYS C 122 -35.58 -33.18 31.34
N PRO C 123 -36.36 -33.61 32.35
CA PRO C 123 -37.07 -34.89 32.24
C PRO C 123 -38.06 -34.91 31.07
N ALA C 124 -38.46 -36.11 30.65
CA ALA C 124 -39.48 -36.27 29.60
C ALA C 124 -40.85 -35.87 30.14
N SER C 125 -41.11 -36.19 31.41
CA SER C 125 -42.33 -35.77 32.08
C SER C 125 -42.02 -35.34 33.53
N SER C 126 -41.98 -36.31 34.43
CA SER C 126 -41.73 -36.08 35.85
C SER C 126 -41.25 -37.35 36.53
N GLN C 127 -40.22 -37.19 37.37
CA GLN C 127 -39.52 -38.32 38.04
C GLN C 127 -38.59 -39.04 37.06
N GLY C 128 -38.08 -38.28 36.09
CA GLY C 128 -37.03 -38.73 35.16
C GLY C 128 -37.42 -39.75 34.12
N PRO C 129 -36.45 -40.19 33.30
CA PRO C 129 -35.04 -39.77 33.35
C PRO C 129 -34.78 -38.43 32.61
N THR C 130 -33.65 -37.79 32.96
CA THR C 130 -33.31 -36.47 32.42
C THR C 130 -32.50 -36.62 31.14
N THR C 131 -33.05 -36.08 30.05
CA THR C 131 -32.46 -36.24 28.72
C THR C 131 -32.40 -34.90 28.00
N VAL C 132 -31.95 -34.90 26.75
CA VAL C 132 -31.71 -33.66 26.02
C VAL C 132 -32.86 -33.34 25.06
N PHE C 133 -33.36 -32.11 25.17
CA PHE C 133 -34.36 -31.60 24.25
C PHE C 133 -33.82 -30.32 23.60
N LEU C 134 -34.53 -29.82 22.60
CA LEU C 134 -34.15 -28.59 21.92
C LEU C 134 -35.24 -27.56 22.06
N ASP C 135 -34.95 -26.50 22.82
CA ASP C 135 -35.88 -25.41 23.02
C ASP C 135 -35.22 -24.09 22.67
N LEU C 136 -36.04 -23.05 22.56
CA LEU C 136 -35.60 -21.68 22.41
C LEU C 136 -34.68 -21.29 23.57
N LEU C 137 -33.63 -20.55 23.25
CA LEU C 137 -32.66 -20.12 24.24
C LEU C 137 -33.25 -19.11 25.24
N LYS C 138 -33.24 -19.49 26.51
CA LYS C 138 -33.45 -18.55 27.61
C LYS C 138 -32.11 -18.32 28.28
N GLU C 139 -31.54 -17.12 28.09
CA GLU C 139 -30.18 -16.83 28.57
C GLU C 139 -29.99 -17.02 30.08
N THR C 140 -31.09 -17.15 30.81
CA THR C 140 -31.07 -17.26 32.28
C THR C 140 -31.44 -18.67 32.79
N ASP C 141 -31.61 -19.62 31.87
CA ASP C 141 -32.04 -20.99 32.19
C ASP C 141 -30.82 -21.89 32.51
N PRO C 142 -30.76 -22.44 33.74
CA PRO C 142 -29.72 -23.38 34.15
C PRO C 142 -29.70 -24.69 33.36
N ASN C 143 -30.87 -25.16 32.91
CA ASN C 143 -30.99 -26.41 32.14
C ASN C 143 -30.33 -26.38 30.76
N GLN C 144 -29.79 -25.23 30.37
CA GLN C 144 -29.18 -25.07 29.05
C GLN C 144 -27.68 -24.74 29.12
N ARG C 145 -27.14 -24.65 30.33
CA ARG C 145 -25.73 -24.32 30.56
C ARG C 145 -24.84 -25.56 30.62
N ILE C 146 -23.96 -25.71 29.65
CA ILE C 146 -23.11 -26.90 29.55
C ILE C 146 -21.65 -26.63 29.97
N LYS C 147 -21.05 -27.57 30.69
CA LYS C 147 -19.61 -27.53 31.02
C LYS C 147 -18.87 -28.75 30.46
N PHE C 148 -17.64 -28.52 29.98
CA PHE C 148 -16.78 -29.62 29.53
C PHE C 148 -15.59 -29.79 30.47
N ALA C 149 -15.28 -31.04 30.78
CA ALA C 149 -14.10 -31.37 31.57
C ALA C 149 -13.43 -32.61 31.01
N VAL C 150 -12.13 -32.52 30.80
CA VAL C 150 -11.33 -33.62 30.28
C VAL C 150 -10.75 -34.40 31.45
N ASP D 10 13.62 24.27 -40.47
CA ASP D 10 12.75 25.49 -40.38
C ASP D 10 12.56 26.05 -38.95
N LEU D 11 13.18 25.45 -37.93
CA LEU D 11 13.12 26.01 -36.56
C LEU D 11 13.81 27.38 -36.49
N PRO D 12 13.12 28.39 -35.90
CA PRO D 12 13.62 29.76 -35.95
C PRO D 12 14.68 30.04 -34.89
N GLY D 13 14.70 29.24 -33.83
CA GLY D 13 15.61 29.52 -32.72
C GLY D 13 15.09 30.65 -31.88
N THR D 14 15.93 31.11 -30.95
CA THR D 14 15.56 32.15 -30.00
C THR D 14 16.64 33.20 -29.98
N ARG D 15 16.24 34.45 -29.73
CA ARG D 15 17.16 35.53 -29.41
C ARG D 15 17.43 35.51 -27.92
N ILE D 16 18.67 35.87 -27.56
CA ILE D 16 19.10 35.91 -26.18
C ILE D 16 19.42 37.38 -25.95
N LEU D 17 18.70 37.98 -25.00
CA LEU D 17 18.68 39.43 -24.83
C LEU D 17 19.10 39.90 -23.44
N ASN D 18 19.80 41.04 -23.44
CA ASN D 18 20.11 41.81 -22.24
C ASN D 18 19.66 43.24 -22.47
N GLY D 19 18.77 43.72 -21.62
CA GLY D 19 18.10 44.97 -21.89
C GLY D 19 17.58 44.95 -23.32
N ALA D 20 17.96 45.96 -24.10
CA ALA D 20 17.56 46.02 -25.52
C ALA D 20 18.51 45.28 -26.48
N ASN D 21 19.66 44.83 -25.98
CA ASN D 21 20.68 44.18 -26.81
C ASN D 21 20.47 42.67 -26.94
N TRP D 22 20.93 42.10 -28.05
CA TRP D 22 20.86 40.65 -28.22
C TRP D 22 22.23 40.06 -28.51
N ALA D 23 22.36 38.77 -28.22
CA ALA D 23 23.61 38.03 -28.41
C ALA D 23 23.86 37.69 -29.88
N ASN D 24 25.08 37.95 -30.32
CA ASN D 24 25.53 37.58 -31.66
C ASN D 24 26.82 36.80 -31.60
N ASN D 25 27.07 35.99 -32.63
CA ASN D 25 28.32 35.24 -32.73
C ASN D 25 28.72 35.08 -34.19
N SER D 26 30.03 35.07 -34.43
CA SER D 26 30.57 34.86 -35.77
C SER D 26 31.64 33.77 -35.75
N ALA D 27 31.93 33.22 -36.93
CA ALA D 27 33.01 32.23 -37.09
C ALA D 27 34.39 32.93 -37.21
N THR D 28 35.47 32.16 -37.01
CA THR D 28 36.84 32.70 -37.09
C THR D 28 37.15 33.35 -38.43
N SER D 35 39.72 28.09 -31.49
CA SER D 35 40.14 28.90 -30.34
C SER D 35 38.94 29.58 -29.64
N GLY D 36 37.91 29.93 -30.41
CA GLY D 36 36.71 30.49 -29.84
C GLY D 36 36.53 31.96 -30.12
N THR D 37 35.31 32.34 -30.50
CA THR D 37 35.01 33.71 -30.86
C THR D 37 34.08 34.37 -29.84
N LEU D 38 34.20 35.68 -29.70
CA LEU D 38 33.39 36.48 -28.75
C LEU D 38 31.90 36.36 -28.98
N ILE D 39 31.15 36.44 -27.90
CA ILE D 39 29.70 36.56 -28.00
C ILE D 39 29.33 38.00 -27.69
N ILE D 40 28.80 38.69 -28.70
CA ILE D 40 28.66 40.14 -28.61
C ILE D 40 27.20 40.55 -28.42
N PHE D 41 26.95 41.29 -27.34
CA PHE D 41 25.65 41.87 -27.09
C PHE D 41 25.59 43.29 -27.62
N ASP D 42 24.74 43.49 -28.63
CA ASP D 42 24.50 44.80 -29.20
C ASP D 42 23.19 44.81 -29.99
N GLN D 43 23.03 45.80 -30.85
CA GLN D 43 21.85 45.91 -31.68
C GLN D 43 22.19 45.79 -33.16
N SER D 44 23.23 45.03 -33.48
CA SER D 44 23.73 44.99 -34.85
C SER D 44 24.20 43.60 -35.29
N THR D 45 23.29 42.86 -35.95
CA THR D 45 23.50 41.48 -36.37
C THR D 45 24.51 41.40 -37.51
N PRO D 46 25.62 40.66 -37.30
CA PRO D 46 26.76 40.63 -38.23
C PRO D 46 26.55 39.81 -39.51
N GLY D 47 25.93 38.64 -39.40
CA GLY D 47 25.59 37.83 -40.56
C GLY D 47 24.29 37.08 -40.35
N GLN D 48 23.79 36.44 -41.42
CA GLN D 48 22.53 35.70 -41.39
C GLN D 48 22.47 34.78 -40.19
N ASP D 49 21.39 34.91 -39.40
CA ASP D 49 21.12 34.04 -38.24
C ASP D 49 22.15 34.11 -37.10
N ALA D 50 23.05 35.09 -37.17
CA ALA D 50 24.08 35.25 -36.13
C ALA D 50 23.45 35.61 -34.78
N ASP D 51 22.18 35.96 -34.79
CA ASP D 51 21.45 36.36 -33.59
C ASP D 51 20.50 35.27 -33.13
N ARG D 52 20.53 34.13 -33.81
CA ARG D 52 19.60 33.03 -33.52
C ARG D 52 20.27 31.85 -32.85
N TRP D 53 19.64 31.31 -31.81
CA TRP D 53 20.23 30.25 -30.98
C TRP D 53 19.25 29.10 -30.75
N LEU D 54 19.78 27.88 -30.74
CA LEU D 54 19.03 26.66 -30.39
C LEU D 54 19.44 26.19 -28.99
N ILE D 55 18.46 26.13 -28.10
CA ILE D 55 18.68 25.77 -26.71
C ILE D 55 17.94 24.47 -26.48
N HIS D 56 18.71 23.42 -26.21
CA HIS D 56 18.19 22.08 -26.04
C HIS D 56 18.46 21.61 -24.59
N ASN D 57 17.59 20.76 -24.06
CA ASN D 57 17.93 19.99 -22.84
C ASN D 57 19.10 19.06 -23.09
N TYR D 58 20.05 19.09 -22.18
CA TYR D 58 21.23 18.27 -22.26
C TYR D 58 21.61 17.75 -20.88
N LEU D 59 21.48 16.44 -20.68
CA LEU D 59 21.56 15.86 -19.35
C LEU D 59 20.67 16.67 -18.39
N ASP D 60 21.23 17.16 -17.29
CA ASP D 60 20.48 17.95 -16.30
C ASP D 60 20.64 19.46 -16.50
N GLY D 61 20.97 19.86 -17.73
CA GLY D 61 21.13 21.26 -18.09
C GLY D 61 20.73 21.54 -19.51
N TYR D 62 21.44 22.46 -20.15
CA TYR D 62 21.09 22.96 -21.48
C TYR D 62 22.33 23.13 -22.29
N LYS D 63 22.21 23.02 -23.61
CA LYS D 63 23.27 23.36 -24.54
C LYS D 63 22.78 24.49 -25.44
N ILE D 64 23.70 25.37 -25.83
CA ILE D 64 23.35 26.62 -26.46
C ILE D 64 24.17 26.80 -27.73
N PHE D 65 23.50 26.70 -28.87
CA PHE D 65 24.11 26.65 -30.21
C PHE D 65 23.69 27.87 -31.07
N ASN D 66 24.66 28.51 -31.72
CA ASN D 66 24.38 29.65 -32.63
C ASN D 66 24.18 29.19 -34.06
N MET D 67 22.99 29.46 -34.61
CA MET D 67 22.60 28.93 -35.92
C MET D 67 23.34 29.63 -37.07
N GLY D 68 23.91 30.80 -36.80
CA GLY D 68 24.62 31.54 -37.82
C GLY D 68 26.04 31.07 -37.96
N SER D 69 26.69 30.81 -36.83
CA SER D 69 28.14 30.60 -36.81
C SER D 69 28.48 29.14 -36.59
N ASN D 70 27.48 28.37 -36.16
CA ASN D 70 27.66 26.96 -35.85
C ASN D 70 28.46 26.67 -34.59
N ASN D 71 28.64 27.68 -33.74
CA ASN D 71 29.37 27.50 -32.50
C ASN D 71 28.47 27.24 -31.29
N TRP D 72 29.08 26.65 -30.28
CA TRP D 72 28.45 26.43 -29.00
C TRP D 72 29.01 27.41 -27.98
N ALA D 73 28.12 28.05 -27.20
CA ALA D 73 28.54 28.89 -26.11
C ALA D 73 29.22 28.02 -25.09
N SER D 74 30.38 28.46 -24.63
CA SER D 74 31.27 27.61 -23.86
C SER D 74 32.12 28.37 -22.87
N VAL D 75 32.33 27.77 -21.69
CA VAL D 75 33.26 28.30 -20.68
C VAL D 75 34.66 28.22 -21.25
N SER D 76 35.39 29.34 -21.27
CA SER D 76 36.78 29.30 -21.70
C SER D 76 37.76 29.76 -20.64
N ARG D 77 39.02 29.37 -20.79
CA ARG D 77 40.11 29.81 -19.92
C ARG D 77 40.25 31.32 -20.05
N GLY D 78 39.74 32.02 -19.04
CA GLY D 78 39.66 33.47 -19.05
C GLY D 78 38.47 33.98 -18.28
N ASN D 79 37.68 33.06 -17.71
CA ASN D 79 36.42 33.40 -17.04
C ASN D 79 35.53 34.11 -18.06
N THR D 80 35.49 33.56 -19.27
CA THR D 80 34.82 34.16 -20.40
C THR D 80 33.90 33.15 -21.11
N VAL D 81 32.94 33.66 -21.88
CA VAL D 81 32.08 32.78 -22.68
C VAL D 81 32.29 32.99 -24.16
N LEU D 82 32.81 31.97 -24.82
CA LEU D 82 33.14 32.03 -26.24
C LEU D 82 32.35 30.98 -26.99
N GLY D 83 32.17 31.20 -28.28
CA GLY D 83 31.60 30.18 -29.14
C GLY D 83 32.72 29.34 -29.71
N VAL D 84 32.66 28.03 -29.47
CA VAL D 84 33.63 27.09 -30.04
C VAL D 84 32.94 26.13 -31.01
N SER D 85 33.67 25.69 -32.04
CA SER D 85 33.08 24.85 -33.08
C SER D 85 32.79 23.40 -32.67
N GLU D 86 33.49 22.87 -31.69
CA GLU D 86 33.34 21.46 -31.33
C GLU D 86 32.76 21.31 -29.95
N PHE D 87 31.68 20.53 -29.83
CA PHE D 87 30.95 20.36 -28.59
C PHE D 87 31.77 19.60 -27.55
N ASP D 88 31.81 20.19 -26.36
CA ASP D 88 32.54 19.68 -25.20
C ASP D 88 31.60 19.66 -24.00
N GLY D 89 31.26 18.46 -23.53
CA GLY D 89 30.32 18.27 -22.41
C GLY D 89 30.76 18.90 -21.09
N GLN D 90 32.07 18.97 -20.88
CA GLN D 90 32.64 19.60 -19.70
C GLN D 90 32.50 21.12 -19.69
N THR D 91 32.44 21.74 -20.87
CA THR D 91 32.45 23.21 -20.96
C THR D 91 31.20 23.83 -21.58
N CYS D 92 30.34 23.01 -22.19
CA CYS D 92 29.18 23.49 -22.96
C CYS D 92 27.83 23.19 -22.32
N LYS D 93 27.82 22.61 -21.13
CA LYS D 93 26.56 22.41 -20.42
C LYS D 93 26.25 23.66 -19.57
N TRP D 94 25.01 24.14 -19.67
CA TRP D 94 24.59 25.31 -18.89
C TRP D 94 23.41 25.01 -18.00
N SER D 95 23.34 25.73 -16.89
CA SER D 95 22.17 25.72 -16.06
C SER D 95 21.45 27.05 -16.28
N ILE D 96 20.13 27.01 -16.43
CA ILE D 96 19.34 28.23 -16.65
C ILE D 96 18.27 28.33 -15.57
N GLU D 97 18.32 29.37 -14.76
CA GLU D 97 17.41 29.50 -13.63
C GLU D 97 16.74 30.87 -13.55
N TYR D 98 15.47 30.84 -13.14
CA TYR D 98 14.66 32.04 -13.00
C TYR D 98 15.22 33.02 -11.96
N SER D 99 15.28 34.30 -12.34
CA SER D 99 15.81 35.36 -11.48
C SER D 99 14.80 35.78 -10.42
N GLY D 100 13.53 35.46 -10.64
CA GLY D 100 12.46 35.97 -9.79
C GLY D 100 11.92 37.32 -10.26
N ASN D 101 12.57 37.92 -11.25
CA ASN D 101 12.12 39.19 -11.82
C ASN D 101 11.67 39.07 -13.28
N GLY D 102 10.49 39.62 -13.58
CA GLY D 102 9.90 39.63 -14.91
C GLY D 102 10.00 38.31 -15.64
N GLU D 103 10.53 38.36 -16.85
CA GLU D 103 10.88 37.16 -17.61
C GLU D 103 12.41 36.95 -17.70
N GLU D 104 13.11 37.23 -16.60
CA GLU D 104 14.58 37.27 -16.60
C GLU D 104 15.22 36.06 -15.95
N PHE D 105 16.29 35.55 -16.57
CA PHE D 105 16.97 34.32 -16.13
C PHE D 105 18.47 34.53 -15.96
N TRP D 106 19.11 33.68 -15.15
CA TRP D 106 20.57 33.60 -15.11
C TRP D 106 21.08 32.38 -15.89
N ILE D 107 22.13 32.56 -16.70
CA ILE D 107 22.77 31.41 -17.35
C ILE D 107 24.04 31.12 -16.59
N ARG D 108 24.13 29.89 -16.10
CA ARG D 108 25.08 29.58 -15.05
C ARG D 108 25.94 28.36 -15.38
N VAL D 109 27.18 28.41 -14.90
CA VAL D 109 28.10 27.28 -14.94
C VAL D 109 27.58 26.24 -13.96
N PRO D 110 27.30 25.02 -14.44
CA PRO D 110 26.74 23.97 -13.59
C PRO D 110 27.78 23.46 -12.59
N ARG D 111 27.39 23.42 -11.31
CA ARG D 111 28.32 23.13 -10.23
C ARG D 111 27.58 22.42 -9.11
N GLU D 112 28.25 21.43 -8.51
CA GLU D 112 27.67 20.62 -7.44
C GLU D 112 27.23 21.46 -6.23
N GLY D 113 25.97 21.30 -5.84
CA GLY D 113 25.36 22.14 -4.81
C GLY D 113 24.76 23.40 -5.44
N GLY D 114 25.54 24.04 -6.30
CA GLY D 114 25.10 25.26 -6.98
C GLY D 114 26.14 26.34 -6.83
N GLY D 115 25.76 27.58 -7.16
CA GLY D 115 26.63 28.73 -6.98
C GLY D 115 27.77 28.85 -7.97
N GLY D 116 27.56 28.41 -9.20
CA GLY D 116 28.53 28.64 -10.26
C GLY D 116 28.45 30.07 -10.74
N ALA D 117 29.47 30.50 -11.49
CA ALA D 117 29.49 31.81 -12.11
C ALA D 117 28.37 31.98 -13.15
N VAL D 118 27.86 33.19 -13.33
CA VAL D 118 26.81 33.43 -14.31
C VAL D 118 27.28 34.34 -15.45
N TRP D 119 26.62 34.22 -16.59
CA TRP D 119 26.83 35.11 -17.73
C TRP D 119 26.73 36.56 -17.26
N THR D 120 27.76 37.34 -17.56
CA THR D 120 27.81 38.75 -17.17
C THR D 120 28.15 39.62 -18.38
N ILE D 121 27.19 40.44 -18.78
CA ILE D 121 27.28 41.24 -20.00
C ILE D 121 27.83 42.61 -19.65
N LYS D 122 29.09 42.84 -19.99
CA LYS D 122 29.79 44.07 -19.65
C LYS D 122 30.92 44.32 -20.65
N PRO D 123 31.30 45.59 -20.85
CA PRO D 123 32.50 45.88 -21.64
C PRO D 123 33.76 45.17 -21.12
N ALA D 124 34.60 44.72 -22.05
CA ALA D 124 35.93 44.18 -21.71
C ALA D 124 36.86 45.29 -21.24
N SER D 125 36.69 46.47 -21.83
CA SER D 125 37.57 47.61 -21.56
C SER D 125 36.91 48.98 -21.72
N SER D 126 35.59 48.98 -21.97
CA SER D 126 34.79 50.20 -22.19
C SER D 126 35.23 51.03 -23.44
N GLN D 127 36.45 50.80 -23.90
CA GLN D 127 36.93 51.33 -25.17
C GLN D 127 36.62 50.31 -26.28
N GLY D 128 35.73 49.35 -25.99
CA GLY D 128 35.41 48.25 -26.90
C GLY D 128 34.09 47.55 -26.60
N PRO D 129 33.70 46.57 -27.44
CA PRO D 129 32.36 45.94 -27.48
C PRO D 129 31.89 45.29 -26.17
N THR D 130 30.57 45.13 -26.04
CA THR D 130 29.96 44.48 -24.88
C THR D 130 29.86 42.96 -25.11
N THR D 131 30.65 42.20 -24.36
CA THR D 131 30.72 40.75 -24.53
C THR D 131 30.37 40.02 -23.24
N VAL D 132 30.52 38.69 -23.25
CA VAL D 132 30.10 37.85 -22.12
C VAL D 132 31.27 37.36 -21.24
N PHE D 133 31.23 37.75 -19.97
CA PHE D 133 32.15 37.26 -18.96
C PHE D 133 31.43 36.35 -17.97
N LEU D 134 32.20 35.60 -17.18
CA LEU D 134 31.68 34.79 -16.08
C LEU D 134 32.05 35.39 -14.74
N ASP D 135 31.03 35.68 -13.93
CA ASP D 135 31.23 36.37 -12.66
C ASP D 135 30.31 35.79 -11.62
N LEU D 136 30.64 36.05 -10.35
CA LEU D 136 29.82 35.65 -9.23
C LEU D 136 28.47 36.37 -9.34
N LEU D 137 27.39 35.64 -9.07
CA LEU D 137 26.04 36.18 -9.15
C LEU D 137 25.82 37.34 -8.18
N LYS D 138 25.44 38.49 -8.73
CA LYS D 138 24.97 39.62 -7.93
C LYS D 138 23.48 39.70 -8.29
N GLU D 139 22.64 39.22 -7.38
CA GLU D 139 21.21 39.06 -7.63
C GLU D 139 20.47 40.33 -8.09
N THR D 140 21.06 41.50 -7.91
CA THR D 140 20.51 42.75 -8.49
C THR D 140 21.26 43.37 -9.68
N ASP D 141 22.32 42.72 -10.15
CA ASP D 141 23.06 43.26 -11.29
C ASP D 141 22.25 43.11 -12.58
N PRO D 142 21.88 44.24 -13.21
CA PRO D 142 21.14 44.17 -14.48
C PRO D 142 21.93 43.48 -15.61
N ASN D 143 23.25 43.41 -15.45
CA ASN D 143 24.14 42.82 -16.46
C ASN D 143 24.19 41.30 -16.45
N GLN D 144 23.47 40.69 -15.53
CA GLN D 144 23.39 39.24 -15.46
C GLN D 144 21.99 38.70 -15.83
N ARG D 145 21.08 39.59 -16.22
CA ARG D 145 19.68 39.21 -16.47
C ARG D 145 19.43 38.95 -17.95
N ILE D 146 18.99 37.73 -18.24
CA ILE D 146 18.82 37.25 -19.61
C ILE D 146 17.35 36.92 -19.87
N LYS D 147 16.84 37.36 -21.02
CA LYS D 147 15.54 36.90 -21.51
C LYS D 147 15.60 36.32 -22.92
N PHE D 148 14.60 35.48 -23.21
CA PHE D 148 14.51 34.76 -24.47
C PHE D 148 13.26 35.17 -25.26
N ALA D 149 13.42 35.29 -26.56
CA ALA D 149 12.35 35.72 -27.43
C ALA D 149 12.48 35.08 -28.80
N VAL D 150 11.47 34.29 -29.15
CA VAL D 150 11.33 33.65 -30.46
C VAL D 150 10.71 34.60 -31.50
CU CU E . 2.52 -17.75 23.59
CU CU F . 6.97 -17.49 24.16
HO HO G . -7.22 -27.80 6.02
HO HO H . -4.44 -32.26 5.73
HO HO I . 16.47 -12.81 -6.49
C1 PEG J . 8.01 -28.27 4.53
O1 PEG J . 6.64 -28.49 4.12
C2 PEG J . 8.42 -26.88 4.08
O2 PEG J . 9.67 -26.90 3.38
C3 PEG J . 9.52 -26.58 1.99
C4 PEG J . 10.34 -25.34 1.68
O4 PEG J . 10.19 -25.02 0.29
CU CU K . -4.02 21.31 -20.44
CU CU L . -7.99 20.02 -21.94
HO HO M . 14.87 9.31 -23.34
HO HO N . 13.55 7.92 -28.78
HO HO O . 15.27 9.39 -26.49
C1 PEG P . 1.04 -0.19 -27.57
O1 PEG P . 0.96 -1.61 -27.38
C2 PEG P . 2.18 0.12 -28.52
O2 PEG P . 2.39 1.53 -28.60
C3 PEG P . 3.44 1.84 -29.53
C4 PEG P . 4.51 2.67 -28.84
O4 PEG P . 5.67 1.88 -28.58
C1 PEG Q . -17.18 -39.41 10.75
O1 PEG Q . -16.03 -39.63 11.58
C2 PEG Q . -17.57 -37.94 10.83
O2 PEG Q . -17.41 -37.26 9.57
C3 PEG Q . -16.09 -36.80 9.34
C4 PEG Q . -16.09 -35.32 8.97
O4 PEG Q . -15.01 -34.69 9.66
C1 PGE R . 19.12 17.16 -28.61
O1 PGE R . 19.79 17.68 -29.77
C2 PGE R . 20.02 16.11 -27.91
O2 PGE R . 20.97 16.75 -27.05
C3 PGE R . 21.97 15.86 -26.52
C4 PGE R . 23.07 15.60 -27.54
O4 PGE R . 25.70 18.01 -29.99
C6 PGE R . 25.71 17.73 -28.58
C5 PGE R . 25.18 16.32 -28.31
O3 PGE R . 24.25 16.34 -27.22
#